data_2X7D
#
_entry.id   2X7D
#
_cell.length_a   69.515
_cell.length_b   79.717
_cell.length_c   159.277
_cell.angle_alpha   90.00
_cell.angle_beta   90.00
_cell.angle_gamma   90.00
#
_symmetry.space_group_name_H-M   'P 21 21 21'
#
loop_
_entity.id
_entity.type
_entity.pdbx_description
1 polymer 'KINESIN-LIKE PROTEIN KIF11'
2 non-polymer "ADENOSINE-5'-DIPHOSPHATE"
3 non-polymer 'MAGNESIUM ION'
4 non-polymer (4S)-4-(3-HYDROXYPHENYL)-7,7-DIMETHYL-2-THIOXO-2,3,4,6,7,8-HEXAHYDROQUINAZOLIN-5(1H)-ONE
5 water water
#
_entity_poly.entity_id   1
_entity_poly.type   'polypeptide(L)'
_entity_poly.pdbx_seq_one_letter_code
;MASQPNSSAKKKEEKGKNIQVVVRCRPFNLAERKASAHSIVECDPVRKEVSVRTGGLADKSSRKTYTFDMVFGASTKQID
VYRSVVCPILDEVIMGYNCTIFAYGQTGTGKTFTMEGERSPNEEYTWEEDPLAGIIPRTLHQIFEKLTDNGTEFSVKVSL
LEIYNEELFDLLNPSSDVSERLQMFDDPRNKRGVIIKGLEEITVHNKDEVYQILEKGAAKRTTAATLMNAYSSRSHSVFS
VTIHMKETTIDGEELVKIGKLNLVDLAGSENIGRSGAVDKRAREAGNINQSLLTLGRVITALVERTPHVPYRESKLTRIL
QDSLGGRTRTSIIATISPASLNLEETLSTLEYAHRAKNILNKPEVNQK
;
_entity_poly.pdbx_strand_id   A,B
#
loop_
_chem_comp.id
_chem_comp.type
_chem_comp.name
_chem_comp.formula
ADP non-polymer ADENOSINE-5'-DIPHOSPHATE 'C10 H15 N5 O10 P2'
EGB non-polymer (4S)-4-(3-HYDROXYPHENYL)-7,7-DIMETHYL-2-THIOXO-2,3,4,6,7,8-HEXAHYDROQUINAZOLIN-5(1H)-ONE 'C16 H18 N2 O2 S'
MG non-polymer 'MAGNESIUM ION' 'Mg 2'
#
# COMPACT_ATOMS: atom_id res chain seq x y z
N LYS A 17 14.18 -9.74 -21.15
CA LYS A 17 15.12 -8.61 -21.54
C LYS A 17 15.12 -7.40 -20.55
N ASN A 18 16.19 -7.27 -19.80
CA ASN A 18 16.33 -6.22 -18.79
C ASN A 18 15.99 -4.80 -19.21
N ILE A 19 15.19 -4.10 -18.43
CA ILE A 19 15.06 -2.68 -18.63
C ILE A 19 16.43 -1.99 -18.48
N GLN A 20 16.56 -0.80 -19.05
CA GLN A 20 17.81 -0.06 -19.03
C GLN A 20 17.81 0.91 -17.85
N VAL A 21 18.88 0.91 -17.04
CA VAL A 21 19.04 1.84 -15.94
C VAL A 21 20.35 2.60 -16.07
N VAL A 22 20.25 3.93 -15.99
CA VAL A 22 21.40 4.82 -16.03
C VAL A 22 21.30 5.81 -14.86
N VAL A 23 22.44 6.42 -14.52
CA VAL A 23 22.53 7.35 -13.41
C VAL A 23 23.08 8.67 -13.92
N ARG A 24 22.49 9.78 -13.49
CA ARG A 24 23.02 11.12 -13.76
C ARG A 24 23.22 11.95 -12.47
N CYS A 25 24.45 12.39 -12.22
CA CYS A 25 24.74 13.27 -11.09
C CYS A 25 24.61 14.71 -11.53
N ARG A 26 23.97 15.54 -10.71
CA ARG A 26 23.95 16.96 -11.01
C ARG A 26 25.29 17.60 -10.66
N PRO A 27 25.60 18.74 -11.29
CA PRO A 27 26.69 19.60 -10.85
C PRO A 27 26.35 20.41 -9.59
N PHE A 28 27.39 20.82 -8.86
CA PHE A 28 27.24 21.70 -7.72
C PHE A 28 26.63 23.05 -8.10
N ASN A 29 25.78 23.60 -7.26
CA ASN A 29 25.21 24.94 -7.54
C ASN A 29 26.13 26.07 -6.95
N LEU A 30 25.80 27.34 -7.17
CA LEU A 30 26.59 28.46 -6.62
C LEU A 30 26.85 28.36 -5.13
N ALA A 31 25.82 28.14 -4.34
CA ALA A 31 25.97 27.96 -2.90
C ALA A 31 27.01 26.93 -2.51
N GLU A 32 27.09 25.85 -3.25
CA GLU A 32 27.90 24.75 -2.79
C GLU A 32 29.35 25.06 -3.17
N ARG A 33 29.53 25.67 -4.35
CA ARG A 33 30.82 26.09 -4.86
C ARG A 33 31.41 27.16 -3.94
N LYS A 34 30.63 28.23 -3.72
CA LYS A 34 30.94 29.22 -2.69
C LYS A 34 31.39 28.55 -1.38
N ALA A 35 30.88 27.36 -1.07
CA ALA A 35 31.31 26.69 0.16
C ALA A 35 32.51 25.75 0.00
N SER A 36 33.15 25.78 -1.17
CA SER A 36 34.17 24.80 -1.54
C SER A 36 33.77 23.34 -1.20
N ALA A 37 32.58 22.96 -1.64
CA ALA A 37 32.12 21.57 -1.55
C ALA A 37 33.04 20.68 -2.38
N HIS A 38 33.34 19.49 -1.84
CA HIS A 38 34.02 18.44 -2.60
CA HIS A 38 34.03 18.42 -2.57
C HIS A 38 33.04 17.29 -2.85
N SER A 39 33.04 16.77 -4.08
CA SER A 39 32.09 15.73 -4.48
C SER A 39 32.30 14.42 -3.74
N ILE A 40 31.22 13.75 -3.38
CA ILE A 40 31.32 12.39 -2.86
C ILE A 40 30.98 11.37 -3.94
N VAL A 41 30.74 11.86 -5.15
CA VAL A 41 30.40 10.97 -6.25
C VAL A 41 31.47 10.95 -7.36
N GLU A 42 31.79 9.75 -7.80
CA GLU A 42 32.65 9.58 -8.95
C GLU A 42 31.94 8.67 -9.94
N CYS A 43 31.88 9.09 -11.19
CA CYS A 43 31.26 8.29 -12.21
C CYS A 43 32.38 7.96 -13.18
N ASP A 44 32.53 6.68 -13.50
CA ASP A 44 33.45 6.25 -14.54
C ASP A 44 32.67 5.63 -15.69
N PRO A 45 32.54 6.38 -16.79
CA PRO A 45 31.79 5.98 -17.98
C PRO A 45 32.33 4.76 -18.74
N VAL A 46 33.64 4.52 -18.65
CA VAL A 46 34.24 3.29 -19.16
C VAL A 46 33.82 2.03 -18.38
N ARG A 47 33.94 2.05 -17.05
CA ARG A 47 33.46 0.95 -16.23
CA ARG A 47 33.45 0.98 -16.18
C ARG A 47 31.94 1.00 -16.05
N LYS A 48 31.33 2.16 -16.34
CA LYS A 48 29.89 2.35 -16.15
C LYS A 48 29.53 2.24 -14.67
N GLU A 49 30.31 2.89 -13.83
CA GLU A 49 30.20 2.68 -12.40
C GLU A 49 30.01 4.05 -11.77
N VAL A 50 29.28 4.01 -10.67
CA VAL A 50 29.15 5.15 -9.82
C VAL A 50 29.75 4.70 -8.51
N SER A 51 30.58 5.57 -7.94
CA SER A 51 31.23 5.25 -6.69
C SER A 51 31.01 6.40 -5.70
N VAL A 52 30.59 6.05 -4.50
CA VAL A 52 30.17 7.03 -3.51
C VAL A 52 31.03 6.89 -2.27
N ARG A 53 31.62 8.00 -1.83
CA ARG A 53 32.30 8.01 -0.56
C ARG A 53 31.31 8.05 0.59
N THR A 54 31.34 7.02 1.43
CA THR A 54 30.42 6.86 2.54
C THR A 54 31.00 7.19 3.91
N GLY A 55 32.32 7.43 3.97
CA GLY A 55 33.01 7.77 5.21
C GLY A 55 34.50 7.97 4.98
N GLY A 56 35.24 8.39 5.99
CA GLY A 56 36.68 8.52 5.85
C GLY A 56 37.11 9.85 5.28
N LEU A 57 38.16 10.41 5.85
CA LEU A 57 38.50 11.83 5.67
C LEU A 57 39.79 11.92 4.86
N ALA A 58 39.65 12.32 3.59
CA ALA A 58 40.81 12.49 2.69
C ALA A 58 41.33 11.02 2.60
N ASP A 59 42.64 10.85 3.07
CA ASP A 59 43.48 9.70 2.68
C ASP A 59 43.16 8.21 2.92
N LYS A 60 42.00 7.94 3.52
CA LYS A 60 41.48 6.60 3.60
C LYS A 60 39.98 6.66 3.88
N SER A 61 39.22 5.89 3.10
CA SER A 61 37.79 6.10 2.99
CA SER A 61 37.78 6.11 2.93
C SER A 61 37.10 4.77 2.78
N SER A 62 35.80 4.72 3.02
CA SER A 62 34.95 3.62 2.55
C SER A 62 34.23 4.17 1.31
N ARG A 63 33.82 3.29 0.41
CA ARG A 63 33.07 3.70 -0.78
C ARG A 63 32.00 2.64 -1.05
N LYS A 64 30.87 3.05 -1.60
CA LYS A 64 30.01 2.10 -2.28
C LYS A 64 30.00 2.32 -3.79
N THR A 65 30.11 1.23 -4.56
CA THR A 65 30.16 1.35 -6.00
C THR A 65 29.07 0.48 -6.61
N TYR A 66 28.52 0.91 -7.74
CA TYR A 66 27.40 0.25 -8.37
C TYR A 66 27.69 0.37 -9.86
N THR A 67 27.35 -0.68 -10.61
CA THR A 67 27.46 -0.65 -12.07
C THR A 67 26.07 -0.51 -12.67
N PHE A 68 25.96 0.30 -13.72
CA PHE A 68 24.69 0.49 -14.43
C PHE A 68 24.90 0.35 -15.94
N ASP A 69 23.84 0.49 -16.74
CA ASP A 69 23.99 0.49 -18.19
C ASP A 69 24.77 1.66 -18.75
N MET A 70 24.54 2.85 -18.21
CA MET A 70 25.42 3.98 -18.41
C MET A 70 25.47 4.86 -17.16
N VAL A 71 26.43 5.78 -17.16
CA VAL A 71 26.65 6.64 -16.03
C VAL A 71 27.05 8.04 -16.58
N PHE A 72 26.46 9.08 -16.03
CA PHE A 72 26.65 10.42 -16.51
C PHE A 72 27.09 11.28 -15.35
N GLY A 73 28.36 11.73 -15.41
CA GLY A 73 28.91 12.55 -14.33
C GLY A 73 28.35 13.95 -14.39
N ALA A 74 28.71 14.71 -13.38
CA ALA A 74 28.13 16.03 -13.20
C ALA A 74 28.37 17.02 -14.32
N SER A 75 29.40 16.85 -15.15
CA SER A 75 29.64 17.79 -16.24
C SER A 75 28.93 17.43 -17.55
N THR A 76 28.24 16.28 -17.56
CA THR A 76 27.49 15.80 -18.73
C THR A 76 26.46 16.85 -19.18
N LYS A 77 26.40 17.10 -20.48
CA LYS A 77 25.47 18.05 -21.02
C LYS A 77 24.20 17.37 -21.56
N GLN A 78 23.12 18.13 -21.71
CA GLN A 78 21.85 17.56 -22.15
C GLN A 78 21.99 16.80 -23.45
N ILE A 79 22.78 17.36 -24.38
CA ILE A 79 22.88 16.81 -25.74
C ILE A 79 23.40 15.36 -25.63
N ASP A 80 24.20 15.11 -24.60
CA ASP A 80 24.88 13.81 -24.44
C ASP A 80 23.95 12.75 -23.84
N VAL A 81 23.05 13.18 -22.98
CA VAL A 81 22.02 12.29 -22.46
C VAL A 81 21.09 11.99 -23.60
N TYR A 82 20.81 12.99 -24.42
CA TYR A 82 19.85 12.79 -25.47
C TYR A 82 20.40 11.79 -26.51
N ARG A 83 21.59 12.06 -27.03
CA ARG A 83 22.23 11.10 -27.97
C ARG A 83 22.33 9.68 -27.44
N SER A 84 22.71 9.53 -26.17
CA SER A 84 23.04 8.21 -25.62
C SER A 84 21.80 7.44 -25.24
N VAL A 85 20.89 8.12 -24.58
CA VAL A 85 19.73 7.43 -24.02
C VAL A 85 18.54 7.55 -24.96
N VAL A 86 18.29 8.75 -25.46
CA VAL A 86 17.02 8.98 -26.08
C VAL A 86 16.99 8.61 -27.55
N CYS A 87 18.00 9.02 -28.32
CA CYS A 87 18.05 8.70 -29.75
CA CYS A 87 18.02 8.72 -29.76
C CYS A 87 17.64 7.27 -30.07
N PRO A 88 18.23 6.29 -29.35
CA PRO A 88 17.89 4.90 -29.74
C PRO A 88 16.47 4.51 -29.34
N ILE A 89 15.98 5.09 -28.27
CA ILE A 89 14.59 4.88 -27.89
C ILE A 89 13.65 5.49 -28.92
N LEU A 90 13.96 6.68 -29.42
CA LEU A 90 13.03 7.30 -30.34
C LEU A 90 12.99 6.50 -31.65
N ASP A 91 14.15 6.02 -32.09
CA ASP A 91 14.24 5.11 -33.22
C ASP A 91 13.32 3.91 -33.05
N GLU A 92 13.29 3.36 -31.83
CA GLU A 92 12.39 2.26 -31.53
CA GLU A 92 12.39 2.25 -31.56
C GLU A 92 10.93 2.68 -31.52
N VAL A 93 10.65 3.88 -31.03
CA VAL A 93 9.28 4.37 -31.06
C VAL A 93 8.82 4.48 -32.54
N ILE A 94 9.70 5.01 -33.37
CA ILE A 94 9.41 5.20 -34.78
C ILE A 94 9.20 3.86 -35.52
N MET A 95 9.83 2.78 -35.04
CA MET A 95 9.57 1.44 -35.53
C MET A 95 8.24 0.87 -35.07
N GLY A 96 7.55 1.58 -34.17
CA GLY A 96 6.25 1.11 -33.68
C GLY A 96 6.28 0.38 -32.34
N TYR A 97 7.35 0.49 -31.57
CA TYR A 97 7.29 0.01 -30.19
C TYR A 97 6.73 1.11 -29.28
N ASN A 98 6.22 0.71 -28.12
CA ASN A 98 5.95 1.64 -27.03
C ASN A 98 7.19 1.73 -26.17
N CYS A 99 7.60 2.94 -25.81
CA CYS A 99 8.69 3.14 -24.85
C CYS A 99 8.30 4.08 -23.72
N THR A 100 9.00 3.90 -22.61
CA THR A 100 8.87 4.74 -21.44
C THR A 100 10.27 5.09 -20.92
N ILE A 101 10.45 6.36 -20.55
CA ILE A 101 11.57 6.83 -19.77
C ILE A 101 11.09 7.48 -18.46
N PHE A 102 11.58 6.94 -17.34
CA PHE A 102 11.39 7.46 -15.99
C PHE A 102 12.59 8.29 -15.55
N ALA A 103 12.33 9.39 -14.85
CA ALA A 103 13.34 10.08 -14.05
C ALA A 103 13.03 9.86 -12.57
N TYR A 104 13.99 9.31 -11.83
CA TYR A 104 13.82 8.88 -10.44
C TYR A 104 14.97 9.41 -9.55
N GLY A 105 14.62 9.97 -8.39
CA GLY A 105 15.61 10.53 -7.48
C GLY A 105 15.02 11.59 -6.58
N GLN A 106 15.81 12.07 -5.62
CA GLN A 106 15.30 13.01 -4.64
C GLN A 106 15.15 14.38 -5.25
N THR A 107 14.19 15.10 -4.71
CA THR A 107 13.98 16.49 -5.06
C THR A 107 15.28 17.26 -5.01
N GLY A 108 15.54 18.04 -6.05
CA GLY A 108 16.73 18.82 -6.12
C GLY A 108 17.83 18.14 -6.89
N THR A 109 17.58 16.95 -7.45
CA THR A 109 18.70 16.23 -8.08
C THR A 109 18.80 16.30 -9.60
N GLY A 110 17.74 16.81 -10.23
CA GLY A 110 17.72 17.02 -11.67
C GLY A 110 16.75 16.15 -12.46
N LYS A 111 15.65 15.76 -11.85
CA LYS A 111 14.69 14.98 -12.61
C LYS A 111 14.08 15.87 -13.69
N THR A 112 13.60 17.03 -13.29
CA THR A 112 12.89 17.92 -14.20
C THR A 112 13.88 18.55 -15.20
N PHE A 113 15.06 18.88 -14.71
CA PHE A 113 16.12 19.33 -15.59
C PHE A 113 16.42 18.34 -16.71
N THR A 114 16.46 17.05 -16.38
CA THR A 114 16.69 16.03 -17.38
C THR A 114 15.51 15.87 -18.35
N MET A 115 14.29 15.80 -17.83
CA MET A 115 13.14 15.44 -18.66
C MET A 115 12.62 16.63 -19.42
N GLU A 116 12.74 17.83 -18.84
CA GLU A 116 12.28 19.06 -19.47
C GLU A 116 13.45 19.94 -19.93
N GLY A 117 14.44 20.11 -19.06
CA GLY A 117 15.45 21.14 -19.22
C GLY A 117 14.90 22.51 -18.90
N GLU A 118 15.68 23.53 -19.22
CA GLU A 118 15.37 24.94 -18.95
C GLU A 118 15.84 25.80 -20.15
N ARG A 119 15.59 27.09 -20.08
CA ARG A 119 16.07 28.05 -21.05
C ARG A 119 17.42 28.61 -20.62
N SER A 120 18.34 28.73 -21.59
CA SER A 120 19.61 29.43 -21.34
C SER A 120 19.24 30.87 -21.08
N PRO A 121 19.94 31.51 -20.14
CA PRO A 121 19.49 32.83 -19.71
C PRO A 121 19.66 33.94 -20.77
N ASN A 122 18.89 35.02 -20.62
CA ASN A 122 19.10 36.21 -21.43
C ASN A 122 18.76 36.03 -22.91
N GLU A 123 17.82 35.14 -23.21
CA GLU A 123 17.35 34.95 -24.58
C GLU A 123 18.51 34.75 -25.55
N GLU A 124 19.55 34.04 -25.09
CA GLU A 124 20.64 33.71 -25.97
C GLU A 124 20.26 32.80 -27.15
N TYR A 125 19.28 31.91 -26.97
CA TYR A 125 18.93 30.91 -27.98
C TYR A 125 17.44 30.90 -28.27
N THR A 126 17.06 30.46 -29.46
CA THR A 126 15.73 29.92 -29.67
C THR A 126 15.64 28.51 -29.06
N TRP A 127 14.41 28.07 -28.81
CA TRP A 127 14.21 26.89 -28.02
C TRP A 127 14.82 25.70 -28.76
N GLU A 128 14.76 25.69 -30.07
CA GLU A 128 15.27 24.52 -30.76
C GLU A 128 16.79 24.34 -30.79
N GLU A 129 17.54 25.34 -30.32
CA GLU A 129 19.00 25.25 -30.31
C GLU A 129 19.54 25.46 -28.89
N ASP A 130 18.64 25.57 -27.93
CA ASP A 130 19.07 25.77 -26.55
C ASP A 130 19.77 24.53 -25.99
N PRO A 131 21.02 24.68 -25.55
CA PRO A 131 21.75 23.51 -25.10
C PRO A 131 21.29 23.05 -23.74
N LEU A 132 20.44 23.84 -23.08
CA LEU A 132 19.83 23.39 -21.82
C LEU A 132 18.50 22.66 -21.98
N ALA A 133 17.94 22.64 -23.19
CA ALA A 133 16.73 21.85 -23.45
C ALA A 133 16.93 20.42 -23.01
N GLY A 134 15.83 19.78 -22.59
CA GLY A 134 15.91 18.42 -22.09
C GLY A 134 15.20 17.48 -23.06
N ILE A 135 14.82 16.33 -22.51
CA ILE A 135 14.38 15.21 -23.32
C ILE A 135 13.13 15.53 -24.14
N ILE A 136 12.09 16.03 -23.46
CA ILE A 136 10.83 16.39 -24.13
C ILE A 136 10.96 17.32 -25.33
N PRO A 137 11.52 18.53 -25.18
CA PRO A 137 11.57 19.39 -26.37
C PRO A 137 12.47 18.83 -27.48
N ARG A 138 13.61 18.22 -27.12
CA ARG A 138 14.50 17.66 -28.13
C ARG A 138 13.80 16.54 -28.86
N THR A 139 13.07 15.69 -28.15
CA THR A 139 12.42 14.57 -28.82
C THR A 139 11.36 15.06 -29.82
N LEU A 140 10.56 16.03 -29.41
CA LEU A 140 9.51 16.52 -30.28
C LEU A 140 10.14 17.17 -31.49
N HIS A 141 11.18 17.98 -31.25
CA HIS A 141 11.92 18.55 -32.36
C HIS A 141 12.45 17.45 -33.31
N GLN A 142 13.10 16.43 -32.74
CA GLN A 142 13.72 15.42 -33.58
C GLN A 142 12.71 14.62 -34.42
N ILE A 143 11.51 14.42 -33.91
CA ILE A 143 10.53 13.58 -34.63
C ILE A 143 10.27 14.10 -36.04
N PHE A 144 10.09 15.41 -36.14
CA PHE A 144 9.84 16.10 -37.41
C PHE A 144 11.06 16.06 -38.32
N GLU A 145 12.25 16.05 -37.72
CA GLU A 145 13.50 15.96 -38.46
C GLU A 145 13.63 14.58 -39.04
N LYS A 146 13.44 13.56 -38.23
CA LYS A 146 13.68 12.21 -38.70
C LYS A 146 12.68 11.77 -39.77
N LEU A 147 11.47 12.35 -39.76
CA LEU A 147 10.44 11.94 -40.68
C LEU A 147 10.14 12.99 -41.76
N THR A 148 11.08 13.91 -42.03
CA THR A 148 10.75 15.01 -42.96
C THR A 148 10.29 14.48 -44.31
N ASP A 149 11.03 13.55 -44.92
CA ASP A 149 10.73 13.17 -46.30
C ASP A 149 11.14 11.74 -46.64
N ASN A 150 10.85 10.82 -45.72
CA ASN A 150 11.25 9.45 -45.96
C ASN A 150 10.10 8.55 -46.46
N GLY A 151 8.98 9.16 -46.86
CA GLY A 151 7.86 8.34 -47.35
C GLY A 151 6.94 7.83 -46.26
N THR A 152 7.17 8.24 -45.01
CA THR A 152 6.25 7.88 -43.93
C THR A 152 5.32 9.06 -43.60
N GLU A 153 4.02 8.91 -43.88
CA GLU A 153 3.09 9.93 -43.40
C GLU A 153 2.86 9.69 -41.91
N PHE A 154 2.68 10.77 -41.15
CA PHE A 154 2.63 10.67 -39.69
C PHE A 154 1.83 11.81 -39.07
N SER A 155 1.25 11.54 -37.91
CA SER A 155 0.79 12.63 -37.06
C SER A 155 1.36 12.45 -35.65
N VAL A 156 1.58 13.55 -34.96
CA VAL A 156 2.06 13.50 -33.60
C VAL A 156 1.00 14.08 -32.65
N LYS A 157 0.68 13.35 -31.58
CA LYS A 157 -0.23 13.84 -30.56
C LYS A 157 0.46 13.78 -29.23
N VAL A 158 0.24 14.80 -28.40
CA VAL A 158 0.79 14.82 -27.05
C VAL A 158 -0.28 14.94 -25.95
N SER A 159 -0.02 14.35 -24.79
CA SER A 159 -0.84 14.68 -23.64
C SER A 159 0.01 14.79 -22.39
N LEU A 160 -0.48 15.49 -21.40
CA LEU A 160 0.30 15.72 -20.22
C LEU A 160 -0.62 15.49 -19.02
N LEU A 161 -0.39 14.36 -18.35
CA LEU A 161 -1.23 13.84 -17.30
C LEU A 161 -0.43 13.84 -16.01
N GLU A 162 -0.97 14.44 -14.96
CA GLU A 162 -0.29 14.51 -13.68
C GLU A 162 -1.09 13.84 -12.58
N ILE A 163 -0.35 13.30 -11.63
CA ILE A 163 -0.94 12.57 -10.53
C ILE A 163 -0.46 13.16 -9.21
N TYR A 164 -1.41 13.62 -8.39
CA TYR A 164 -1.06 14.31 -7.17
C TYR A 164 -2.06 13.88 -6.12
N ASN A 165 -1.56 13.27 -5.05
CA ASN A 165 -2.46 12.75 -4.04
C ASN A 165 -3.46 11.76 -4.64
N GLU A 166 -3.04 10.95 -5.61
CA GLU A 166 -3.91 9.94 -6.25
C GLU A 166 -5.09 10.54 -7.04
N GLU A 167 -4.99 11.80 -7.45
CA GLU A 167 -5.92 12.32 -8.42
C GLU A 167 -5.20 12.66 -9.70
N LEU A 168 -5.98 12.72 -10.76
CA LEU A 168 -5.45 12.90 -12.08
C LEU A 168 -5.82 14.30 -12.53
N PHE A 169 -4.84 15.01 -13.11
CA PHE A 169 -5.04 16.36 -13.65
C PHE A 169 -4.51 16.39 -15.07
N ASP A 170 -5.11 17.24 -15.88
CA ASP A 170 -4.75 17.38 -17.29
C ASP A 170 -4.13 18.75 -17.41
N LEU A 171 -2.83 18.80 -17.71
CA LEU A 171 -2.16 20.09 -17.81
C LEU A 171 -2.22 20.73 -19.19
N LEU A 172 -2.98 20.14 -20.11
CA LEU A 172 -3.02 20.72 -21.45
C LEU A 172 -4.43 21.04 -21.94
N ASN A 173 -5.46 20.75 -21.15
CA ASN A 173 -6.80 21.14 -21.56
C ASN A 173 -7.00 22.64 -21.34
N PRO A 174 -7.15 23.41 -22.45
CA PRO A 174 -7.10 24.86 -22.32
C PRO A 174 -8.42 25.40 -21.85
N SER A 175 -9.48 24.58 -21.88
CA SER A 175 -10.77 25.07 -21.40
C SER A 175 -11.27 24.38 -20.13
N SER A 176 -10.38 23.74 -19.39
CA SER A 176 -10.70 23.29 -18.05
C SER A 176 -9.73 23.97 -17.09
N ASP A 177 -10.18 24.25 -15.88
CA ASP A 177 -9.26 24.75 -14.87
C ASP A 177 -8.59 23.55 -14.18
N VAL A 178 -7.43 23.82 -13.58
CA VAL A 178 -6.54 22.80 -13.05
C VAL A 178 -7.13 22.06 -11.85
N SER A 179 -8.19 22.61 -11.28
CA SER A 179 -8.89 21.95 -10.20
C SER A 179 -9.71 20.72 -10.59
N GLU A 180 -9.98 20.52 -11.87
CA GLU A 180 -10.93 19.47 -12.24
C GLU A 180 -10.19 18.13 -12.42
N ARG A 181 -10.54 17.15 -11.58
CA ARG A 181 -9.95 15.82 -11.65
C ARG A 181 -10.52 14.96 -12.78
N LEU A 182 -9.65 14.23 -13.48
CA LEU A 182 -10.11 13.22 -14.44
C LEU A 182 -10.44 11.92 -13.74
N GLN A 183 -11.19 11.07 -14.43
CA GLN A 183 -11.38 9.69 -13.99
C GLN A 183 -10.80 8.64 -14.90
N MET A 184 -10.46 7.52 -14.29
CA MET A 184 -9.73 6.46 -14.93
C MET A 184 -10.70 5.28 -14.96
N PHE A 185 -10.72 4.55 -16.05
CA PHE A 185 -11.46 3.30 -16.12
C PHE A 185 -10.57 2.22 -16.75
N ASP A 186 -10.71 0.96 -16.33
CA ASP A 186 -10.24 -0.17 -17.17
C ASP A 186 -10.75 -0.08 -18.59
N ASP A 187 -9.90 -0.38 -19.55
CA ASP A 187 -10.28 -0.29 -20.96
C ASP A 187 -10.71 -1.67 -21.48
N PRO A 188 -12.00 -1.87 -21.78
CA PRO A 188 -12.54 -3.23 -21.96
C PRO A 188 -11.84 -3.99 -23.09
N ARG A 189 -11.48 -3.28 -24.15
CA ARG A 189 -10.75 -3.85 -25.28
C ARG A 189 -9.26 -4.13 -24.99
N ASN A 190 -8.87 -4.17 -23.71
CA ASN A 190 -7.45 -4.23 -23.27
C ASN A 190 -7.31 -4.76 -21.84
N LYS A 191 -6.64 -5.91 -21.69
CA LYS A 191 -6.24 -6.34 -20.35
C LYS A 191 -5.29 -5.30 -19.69
N ARG A 192 -4.24 -4.87 -20.38
CA ARG A 192 -3.21 -4.06 -19.72
C ARG A 192 -3.50 -2.55 -19.64
N GLY A 193 -4.70 -2.15 -20.10
CA GLY A 193 -4.99 -0.78 -20.51
C GLY A 193 -6.00 -0.06 -19.60
N VAL A 194 -5.90 1.27 -19.59
CA VAL A 194 -6.91 2.08 -18.94
C VAL A 194 -7.40 3.12 -19.90
N ILE A 195 -8.60 3.64 -19.66
CA ILE A 195 -9.02 4.85 -20.34
C ILE A 195 -9.05 6.01 -19.37
N ILE A 196 -8.37 7.09 -19.74
CA ILE A 196 -8.49 8.35 -18.99
C ILE A 196 -9.54 9.27 -19.59
N LYS A 197 -10.70 9.27 -18.96
CA LYS A 197 -11.80 10.06 -19.47
C LYS A 197 -11.46 11.54 -19.49
N GLY A 198 -11.53 12.14 -20.68
CA GLY A 198 -11.42 13.59 -20.83
C GLY A 198 -10.02 14.15 -21.10
N LEU A 199 -9.03 13.26 -21.12
CA LEU A 199 -7.65 13.69 -21.25
C LEU A 199 -7.46 14.25 -22.65
N GLU A 200 -7.14 15.54 -22.72
CA GLU A 200 -6.80 16.18 -23.99
C GLU A 200 -5.57 15.57 -24.66
N GLU A 201 -5.74 15.23 -25.93
CA GLU A 201 -4.62 15.01 -26.82
C GLU A 201 -4.55 16.15 -27.81
N ILE A 202 -3.37 16.76 -27.90
CA ILE A 202 -3.15 17.89 -28.80
C ILE A 202 -2.28 17.44 -29.98
N THR A 203 -2.77 17.73 -31.18
CA THR A 203 -2.05 17.40 -32.38
C THR A 203 -0.98 18.48 -32.53
N VAL A 204 0.26 18.04 -32.62
CA VAL A 204 1.37 18.94 -32.93
C VAL A 204 1.61 18.81 -34.41
N HIS A 205 1.25 19.84 -35.18
CA HIS A 205 1.12 19.68 -36.64
C HIS A 205 2.46 19.82 -37.30
N ASN A 206 3.38 20.52 -36.64
CA ASN A 206 4.74 20.70 -37.14
C ASN A 206 5.63 21.21 -35.99
N LYS A 207 6.95 21.35 -36.21
CA LYS A 207 7.84 21.74 -35.14
C LYS A 207 7.50 23.12 -34.59
N ASP A 208 6.82 23.92 -35.39
CA ASP A 208 6.60 25.32 -35.01
C ASP A 208 5.35 25.45 -34.12
N GLU A 209 4.71 24.33 -33.82
CA GLU A 209 3.66 24.30 -32.78
C GLU A 209 4.11 23.85 -31.41
N VAL A 210 5.32 23.29 -31.32
CA VAL A 210 5.80 22.67 -30.07
C VAL A 210 5.90 23.64 -28.88
N TYR A 211 6.59 24.77 -29.05
CA TYR A 211 7.05 25.54 -27.90
C TYR A 211 5.86 26.05 -27.12
N GLN A 212 4.85 26.52 -27.84
CA GLN A 212 3.68 27.15 -27.25
C GLN A 212 2.86 26.11 -26.47
N ILE A 213 2.81 24.87 -26.94
CA ILE A 213 2.16 23.81 -26.18
C ILE A 213 2.91 23.60 -24.86
N LEU A 214 4.24 23.49 -24.90
CA LEU A 214 5.04 23.41 -23.68
C LEU A 214 4.78 24.59 -22.75
N GLU A 215 4.64 25.81 -23.31
CA GLU A 215 4.24 27.01 -22.50
C GLU A 215 2.92 26.92 -21.73
N LYS A 216 1.88 26.44 -22.40
CA LYS A 216 0.56 26.31 -21.83
C LYS A 216 0.52 25.32 -20.70
N GLY A 217 1.21 24.20 -20.88
CA GLY A 217 1.42 23.26 -19.78
C GLY A 217 2.05 23.91 -18.57
N ALA A 218 3.18 24.58 -18.77
CA ALA A 218 3.92 25.22 -17.68
C ALA A 218 3.00 26.22 -16.94
N ALA A 219 2.20 26.99 -17.68
CA ALA A 219 1.31 27.98 -17.02
C ALA A 219 0.25 27.26 -16.20
N LYS A 220 -0.27 26.18 -16.76
CA LYS A 220 -1.27 25.37 -16.08
C LYS A 220 -0.66 24.75 -14.82
N ARG A 221 0.65 24.57 -14.83
CA ARG A 221 1.36 24.01 -13.68
C ARG A 221 1.45 25.06 -12.57
N THR A 222 1.91 26.25 -12.92
CA THR A 222 2.00 27.34 -11.96
C THR A 222 0.72 27.42 -11.13
N THR A 223 -0.41 27.42 -11.81
CA THR A 223 -1.68 27.43 -11.16
C THR A 223 -1.80 26.26 -10.19
N ALA A 224 -1.49 25.05 -10.66
CA ALA A 224 -1.54 23.87 -9.80
C ALA A 224 -0.70 24.09 -8.55
N ALA A 225 0.53 24.58 -8.74
CA ALA A 225 1.41 24.77 -7.59
C ALA A 225 0.87 25.76 -6.55
N THR A 226 0.06 26.70 -7.01
CA THR A 226 -0.59 27.63 -6.13
C THR A 226 -1.66 26.93 -5.28
N LEU A 227 -2.47 26.06 -5.88
CA LEU A 227 -3.56 25.36 -5.17
CA LEU A 227 -3.52 25.42 -5.09
C LEU A 227 -3.08 24.18 -4.31
N MET A 228 -2.01 23.54 -4.73
CA MET A 228 -1.69 22.27 -4.09
C MET A 228 -0.33 22.27 -3.44
N ASN A 229 -0.26 21.84 -2.18
CA ASN A 229 0.96 21.94 -1.40
C ASN A 229 2.12 21.16 -2.01
N ALA A 230 3.31 21.76 -2.01
CA ALA A 230 4.49 21.15 -2.59
C ALA A 230 4.17 20.39 -3.89
N TYR A 231 3.32 20.94 -4.74
CA TYR A 231 2.92 20.29 -5.98
C TYR A 231 4.07 19.71 -6.83
N SER A 232 5.08 20.53 -7.15
CA SER A 232 6.10 20.13 -8.13
C SER A 232 6.98 18.99 -7.60
N SER A 233 6.99 18.81 -6.29
CA SER A 233 7.89 17.81 -5.79
C SER A 233 7.12 16.52 -5.42
N ARG A 234 5.80 16.62 -5.29
CA ARG A 234 4.96 15.48 -4.87
C ARG A 234 4.15 14.88 -6.00
N SER A 235 4.11 15.55 -7.15
CA SER A 235 3.32 15.07 -8.27
C SER A 235 4.16 14.17 -9.17
N HIS A 236 3.51 13.30 -9.93
CA HIS A 236 4.15 12.54 -11.00
C HIS A 236 3.55 13.10 -12.28
N SER A 237 4.37 13.31 -13.30
CA SER A 237 3.82 13.80 -14.55
C SER A 237 4.19 12.85 -15.65
N VAL A 238 3.22 12.59 -16.53
CA VAL A 238 3.42 11.63 -17.61
C VAL A 238 3.17 12.41 -18.91
N PHE A 239 4.25 12.78 -19.61
CA PHE A 239 4.12 13.47 -20.92
C PHE A 239 4.21 12.37 -21.98
N SER A 240 3.11 12.19 -22.72
CA SER A 240 3.03 11.14 -23.73
C SER A 240 3.08 11.73 -25.14
N VAL A 241 3.76 11.01 -26.02
CA VAL A 241 3.85 11.33 -27.44
C VAL A 241 3.42 10.03 -28.14
N THR A 242 2.38 10.15 -28.98
CA THR A 242 1.91 9.07 -29.82
C THR A 242 2.16 9.49 -31.26
N ILE A 243 2.89 8.64 -31.99
CA ILE A 243 3.16 8.89 -33.41
C ILE A 243 2.46 7.82 -34.25
N HIS A 244 1.50 8.23 -35.06
CA HIS A 244 0.72 7.33 -35.94
C HIS A 244 1.38 7.42 -37.31
N MET A 245 1.82 6.28 -37.85
CA MET A 245 2.65 6.32 -39.06
C MET A 245 2.08 5.51 -40.20
N LYS A 246 2.20 6.03 -41.42
CA LYS A 246 1.68 5.26 -42.56
C LYS A 246 2.66 5.32 -43.73
N GLU A 247 3.12 4.13 -44.13
CA GLU A 247 3.95 3.98 -45.32
C GLU A 247 3.12 3.42 -46.49
N THR A 248 3.53 3.76 -47.71
CA THR A 248 2.96 3.19 -48.94
C THR A 248 4.03 2.41 -49.73
N THR A 249 3.80 1.11 -49.95
CA THR A 249 4.78 0.32 -50.71
C THR A 249 4.72 0.70 -52.19
N ILE A 250 5.67 0.16 -52.95
CA ILE A 250 5.84 0.46 -54.38
C ILE A 250 4.59 -0.02 -55.13
N ASP A 251 3.87 -0.94 -54.47
CA ASP A 251 2.63 -1.52 -54.97
C ASP A 251 1.36 -0.93 -54.37
N GLY A 252 1.51 0.17 -53.64
CA GLY A 252 0.36 0.96 -53.21
C GLY A 252 -0.30 0.44 -51.93
N GLU A 253 0.25 -0.59 -51.30
CA GLU A 253 -0.28 -1.07 -50.03
CA GLU A 253 -0.30 -1.05 -50.04
C GLU A 253 0.23 -0.20 -48.87
N GLU A 254 -0.60 -0.10 -47.83
CA GLU A 254 -0.35 0.78 -46.70
C GLU A 254 0.13 0.01 -45.49
N LEU A 255 1.23 0.48 -44.89
CA LEU A 255 1.78 -0.15 -43.70
C LEU A 255 1.60 0.85 -42.56
N VAL A 256 1.00 0.38 -41.47
CA VAL A 256 0.64 1.21 -40.33
C VAL A 256 1.60 0.90 -39.18
N LYS A 257 2.20 1.93 -38.59
CA LYS A 257 2.90 1.74 -37.30
C LYS A 257 2.35 2.78 -36.34
N ILE A 258 2.29 2.41 -35.07
CA ILE A 258 1.91 3.35 -34.04
C ILE A 258 2.96 3.27 -32.97
N GLY A 259 3.59 4.38 -32.64
CA GLY A 259 4.53 4.32 -31.53
C GLY A 259 4.12 5.28 -30.45
N LYS A 260 4.23 4.81 -29.21
CA LYS A 260 3.95 5.65 -28.08
C LYS A 260 5.18 5.77 -27.18
N LEU A 261 5.44 7.00 -26.72
CA LEU A 261 6.54 7.28 -25.81
C LEU A 261 6.03 8.00 -24.57
N ASN A 262 6.28 7.42 -23.39
CA ASN A 262 5.96 8.11 -22.13
C ASN A 262 7.23 8.65 -21.46
N LEU A 263 7.17 9.91 -21.11
CA LEU A 263 8.27 10.60 -20.48
C LEU A 263 7.78 11.01 -19.10
N VAL A 264 8.31 10.34 -18.09
CA VAL A 264 7.71 10.40 -16.78
C VAL A 264 8.69 11.08 -15.83
N ASP A 265 8.22 12.18 -15.24
CA ASP A 265 8.98 12.88 -14.21
C ASP A 265 8.35 12.54 -12.86
N LEU A 266 8.96 11.63 -12.10
CA LEU A 266 8.33 11.09 -10.89
C LEU A 266 8.41 12.07 -9.70
N ALA A 267 7.50 11.90 -8.74
CA ALA A 267 7.64 12.49 -7.43
C ALA A 267 9.03 12.24 -6.84
N GLY A 268 9.52 13.19 -6.05
CA GLY A 268 10.80 13.00 -5.37
C GLY A 268 10.77 11.78 -4.48
N SER A 269 11.86 11.01 -4.54
CA SER A 269 11.99 9.79 -3.78
C SER A 269 12.27 10.00 -2.28
N GLU A 270 12.56 11.19 -1.82
CA GLU A 270 12.96 11.45 -0.44
C GLU A 270 12.08 11.12 0.73
N ASN A 271 12.80 10.92 1.83
CA ASN A 271 12.35 10.61 3.18
C ASN A 271 12.07 9.14 3.36
N ASN A 287 2.45 13.80 2.71
CA ASN A 287 2.86 12.75 3.64
C ASN A 287 3.01 11.41 2.91
N ILE A 288 1.89 10.82 2.54
CA ILE A 288 1.89 9.55 1.80
C ILE A 288 1.72 9.57 0.28
N ASN A 289 2.74 9.13 -0.43
CA ASN A 289 2.64 9.02 -1.88
C ASN A 289 2.28 7.61 -2.29
N GLN A 290 0.98 7.35 -2.42
CA GLN A 290 0.52 5.97 -2.72
C GLN A 290 1.12 5.46 -4.04
N SER A 291 1.20 6.31 -5.05
CA SER A 291 1.75 5.93 -6.35
C SER A 291 3.26 5.66 -6.28
N LEU A 292 4.03 6.52 -5.59
CA LEU A 292 5.42 6.19 -5.31
C LEU A 292 5.65 4.90 -4.49
N LEU A 293 4.90 4.74 -3.41
CA LEU A 293 5.04 3.53 -2.60
C LEU A 293 4.73 2.32 -3.48
N THR A 294 3.71 2.46 -4.32
CA THR A 294 3.32 1.31 -5.10
C THR A 294 4.37 1.01 -6.16
N LEU A 295 4.95 2.05 -6.74
CA LEU A 295 5.96 1.81 -7.76
C LEU A 295 7.05 0.92 -7.22
N GLY A 296 7.62 1.29 -6.07
CA GLY A 296 8.67 0.45 -5.44
C GLY A 296 8.23 -0.97 -5.11
N ARG A 297 6.95 -1.14 -4.74
CA ARG A 297 6.44 -2.46 -4.41
C ARG A 297 6.21 -3.26 -5.69
N VAL A 298 5.87 -2.56 -6.78
CA VAL A 298 5.81 -3.22 -8.10
C VAL A 298 7.20 -3.73 -8.56
N ILE A 299 8.23 -2.95 -8.26
CA ILE A 299 9.56 -3.32 -8.70
C ILE A 299 9.99 -4.53 -7.87
N THR A 300 9.71 -4.48 -6.57
CA THR A 300 10.07 -5.55 -5.68
C THR A 300 9.39 -6.85 -6.10
N ALA A 301 8.11 -6.78 -6.40
CA ALA A 301 7.45 -7.99 -6.82
C ALA A 301 8.07 -8.51 -8.13
N LEU A 302 8.40 -7.63 -9.07
CA LEU A 302 8.94 -8.09 -10.34
C LEU A 302 10.33 -8.72 -10.17
N VAL A 303 11.25 -8.04 -9.48
CA VAL A 303 12.62 -8.57 -9.30
C VAL A 303 12.67 -9.86 -8.48
N GLU A 304 11.77 -10.02 -7.52
CA GLU A 304 11.69 -11.24 -6.71
C GLU A 304 10.87 -12.33 -7.39
N ARG A 305 10.27 -12.02 -8.53
CA ARG A 305 9.51 -13.01 -9.28
C ARG A 305 8.26 -13.51 -8.56
N THR A 306 7.71 -12.74 -7.63
CA THR A 306 6.51 -13.20 -6.96
C THR A 306 5.32 -13.05 -7.91
N PRO A 307 4.34 -13.95 -7.83
CA PRO A 307 3.39 -13.99 -8.96
C PRO A 307 2.35 -12.89 -8.89
N HIS A 308 2.05 -12.38 -7.70
CA HIS A 308 1.17 -11.22 -7.64
C HIS A 308 1.93 -9.88 -7.76
N VAL A 309 1.67 -9.11 -8.79
CA VAL A 309 2.29 -7.79 -8.89
C VAL A 309 1.23 -6.73 -8.68
N PRO A 310 1.41 -5.84 -7.68
CA PRO A 310 0.31 -5.00 -7.22
C PRO A 310 0.06 -3.73 -8.07
N TYR A 311 0.08 -3.86 -9.38
CA TYR A 311 -0.22 -2.72 -10.25
C TYR A 311 -1.43 -1.88 -9.86
N ARG A 312 -2.48 -2.52 -9.37
CA ARG A 312 -3.80 -1.90 -9.23
C ARG A 312 -3.86 -1.04 -7.96
N GLU A 313 -2.83 -1.15 -7.12
CA GLU A 313 -2.78 -0.40 -5.85
C GLU A 313 -2.47 1.10 -5.98
N SER A 314 -2.27 1.60 -7.21
CA SER A 314 -2.06 3.04 -7.43
C SER A 314 -2.34 3.39 -8.87
N LYS A 315 -2.74 4.62 -9.08
CA LYS A 315 -2.98 5.16 -10.40
C LYS A 315 -1.71 5.18 -11.25
N LEU A 316 -0.58 5.56 -10.69
CA LEU A 316 0.64 5.56 -11.52
C LEU A 316 0.90 4.18 -12.13
N THR A 317 0.78 3.14 -11.31
CA THR A 317 1.18 1.82 -11.77
C THR A 317 0.10 1.14 -12.63
N ARG A 318 -1.16 1.58 -12.52
CA ARG A 318 -2.18 1.14 -13.48
C ARG A 318 -1.94 1.78 -14.85
N ILE A 319 -1.64 3.06 -14.86
CA ILE A 319 -1.40 3.75 -16.11
C ILE A 319 -0.16 3.17 -16.80
N LEU A 320 0.89 2.87 -16.05
CA LEU A 320 2.18 2.54 -16.65
C LEU A 320 2.47 1.05 -16.49
N GLN A 321 1.43 0.28 -16.23
CA GLN A 321 1.61 -1.15 -16.01
C GLN A 321 2.40 -1.84 -17.15
N ASP A 322 2.12 -1.49 -18.40
CA ASP A 322 2.85 -2.14 -19.48
C ASP A 322 4.35 -1.80 -19.50
N SER A 323 4.74 -0.72 -18.81
CA SER A 323 6.15 -0.31 -18.67
C SER A 323 6.94 -1.10 -17.63
N LEU A 324 6.26 -1.83 -16.77
CA LEU A 324 6.96 -2.47 -15.67
C LEU A 324 6.77 -4.00 -15.78
N GLY A 325 7.67 -4.65 -16.52
CA GLY A 325 7.62 -6.11 -16.77
C GLY A 325 6.59 -6.51 -17.81
N GLY A 326 6.17 -5.57 -18.65
CA GLY A 326 5.26 -5.86 -19.77
C GLY A 326 5.94 -5.67 -21.12
N ARG A 327 5.21 -5.11 -22.11
CA ARG A 327 5.64 -5.13 -23.51
C ARG A 327 6.17 -3.79 -24.06
N THR A 328 6.58 -2.90 -23.16
CA THR A 328 7.09 -1.56 -23.50
C THR A 328 8.59 -1.61 -23.20
N ARG A 329 9.41 -0.98 -24.04
CA ARG A 329 10.82 -0.82 -23.73
CA ARG A 329 10.83 -0.81 -23.75
C ARG A 329 11.01 0.34 -22.75
N THR A 330 11.57 0.02 -21.59
CA THR A 330 11.65 0.98 -20.51
C THR A 330 13.09 1.32 -20.18
N SER A 331 13.34 2.61 -19.92
CA SER A 331 14.58 3.05 -19.28
C SER A 331 14.30 3.86 -18.02
N ILE A 332 15.19 3.74 -17.05
CA ILE A 332 15.18 4.59 -15.89
C ILE A 332 16.46 5.44 -15.81
N ILE A 333 16.24 6.73 -15.62
CA ILE A 333 17.33 7.66 -15.33
C ILE A 333 17.21 8.06 -13.86
N ALA A 334 18.17 7.60 -13.06
CA ALA A 334 18.16 7.86 -11.62
C ALA A 334 19.13 9.01 -11.41
N THR A 335 18.65 10.04 -10.71
CA THR A 335 19.37 11.31 -10.62
C THR A 335 19.88 11.39 -9.20
N ILE A 336 21.13 11.81 -9.05
CA ILE A 336 21.73 11.90 -7.72
C ILE A 336 22.42 13.26 -7.51
N SER A 337 22.81 13.52 -6.27
CA SER A 337 23.54 14.72 -5.86
C SER A 337 25.04 14.41 -5.61
N PRO A 338 25.94 15.39 -5.89
CA PRO A 338 27.35 15.20 -5.51
C PRO A 338 27.65 15.55 -4.07
N ALA A 339 26.67 16.04 -3.33
CA ALA A 339 26.93 16.66 -2.02
C ALA A 339 26.83 15.63 -0.89
N SER A 340 27.74 15.74 0.09
CA SER A 340 27.79 14.80 1.22
C SER A 340 26.56 14.98 2.10
N LEU A 341 25.97 16.18 2.14
CA LEU A 341 24.67 16.39 2.81
C LEU A 341 23.63 15.36 2.31
N ASN A 342 23.65 15.04 1.02
CA ASN A 342 22.65 14.12 0.47
C ASN A 342 23.02 12.66 0.44
N LEU A 343 24.07 12.29 1.18
CA LEU A 343 24.59 10.91 1.19
C LEU A 343 23.54 9.81 1.29
N GLU A 344 22.68 9.84 2.30
CA GLU A 344 21.73 8.75 2.53
CA GLU A 344 21.80 8.68 2.47
C GLU A 344 20.71 8.58 1.39
N GLU A 345 20.16 9.70 0.92
CA GLU A 345 19.21 9.66 -0.18
C GLU A 345 19.90 9.27 -1.51
N THR A 346 21.13 9.69 -1.67
CA THR A 346 21.88 9.21 -2.81
C THR A 346 22.06 7.69 -2.84
N LEU A 347 22.47 7.12 -1.72
CA LEU A 347 22.66 5.67 -1.59
C LEU A 347 21.31 4.99 -1.80
N SER A 348 20.28 5.58 -1.22
CA SER A 348 18.93 5.03 -1.35
CA SER A 348 18.94 5.01 -1.37
C SER A 348 18.50 4.92 -2.82
N THR A 349 18.71 5.99 -3.58
CA THR A 349 18.43 6.01 -5.02
C THR A 349 19.24 4.98 -5.83
N LEU A 350 20.54 4.92 -5.53
CA LEU A 350 21.40 3.97 -6.23
C LEU A 350 20.96 2.54 -5.96
N GLU A 351 20.61 2.25 -4.70
CA GLU A 351 20.21 0.87 -4.36
C GLU A 351 18.91 0.55 -5.11
N TYR A 352 17.98 1.51 -5.08
CA TYR A 352 16.66 1.33 -5.70
C TYR A 352 16.86 1.16 -7.21
N ALA A 353 17.67 2.02 -7.79
CA ALA A 353 17.92 1.93 -9.21
C ALA A 353 18.63 0.60 -9.56
N HIS A 354 19.62 0.22 -8.79
CA HIS A 354 20.38 -0.99 -9.10
C HIS A 354 19.51 -2.26 -9.08
N ARG A 355 18.68 -2.42 -8.06
CA ARG A 355 17.70 -3.51 -8.05
C ARG A 355 16.80 -3.52 -9.29
N ALA A 356 16.47 -2.33 -9.80
CA ALA A 356 15.48 -2.21 -10.88
C ALA A 356 16.03 -2.78 -12.16
N LYS A 357 17.36 -2.90 -12.24
CA LYS A 357 17.99 -3.47 -13.45
C LYS A 357 17.50 -4.87 -13.77
N ASN A 358 17.17 -5.67 -12.74
CA ASN A 358 16.69 -7.03 -12.98
C ASN A 358 15.23 -7.16 -13.45
N ILE A 359 14.57 -6.05 -13.81
CA ILE A 359 13.24 -6.14 -14.38
C ILE A 359 13.31 -6.59 -15.83
N LEU A 360 12.57 -7.65 -16.14
CA LEU A 360 12.45 -8.19 -17.50
C LEU A 360 11.18 -7.74 -18.23
N ASN A 361 11.37 -7.11 -19.38
CA ASN A 361 10.32 -6.60 -20.25
C ASN A 361 10.40 -7.35 -21.60
N LYS A 362 9.29 -7.38 -22.33
CA LYS A 362 9.22 -8.05 -23.64
C LYS A 362 8.70 -7.10 -24.72
N PRO A 363 9.55 -6.15 -25.15
CA PRO A 363 9.05 -5.23 -26.17
C PRO A 363 8.57 -6.00 -27.42
N GLU A 364 7.45 -5.57 -27.99
CA GLU A 364 6.97 -6.07 -29.27
C GLU A 364 6.21 -4.97 -30.02
N VAL A 365 6.24 -5.09 -31.35
CA VAL A 365 5.57 -4.17 -32.25
C VAL A 365 4.06 -4.12 -32.04
N ASN A 366 3.49 -2.93 -32.24
CA ASN A 366 2.03 -2.73 -32.16
C ASN A 366 1.28 -3.24 -33.38
N LYS B 17 6.62 -7.81 26.27
CA LYS B 17 5.65 -8.96 26.06
C LYS B 17 5.20 -9.23 24.60
N ASN B 18 5.68 -10.35 24.03
CA ASN B 18 5.25 -10.89 22.74
C ASN B 18 3.75 -11.03 22.52
N ILE B 19 3.29 -10.59 21.35
CA ILE B 19 1.91 -10.82 20.93
C ILE B 19 1.63 -12.32 20.95
N GLN B 20 0.52 -12.75 21.57
CA GLN B 20 0.18 -14.17 21.63
C GLN B 20 -0.71 -14.57 20.48
N VAL B 21 -0.37 -15.69 19.84
CA VAL B 21 -1.06 -16.09 18.61
C VAL B 21 -1.68 -17.47 18.84
N VAL B 22 -2.98 -17.55 18.57
CA VAL B 22 -3.75 -18.77 18.79
C VAL B 22 -4.39 -19.19 17.48
N VAL B 23 -4.49 -20.50 17.22
CA VAL B 23 -5.07 -20.97 16.00
C VAL B 23 -6.33 -21.73 16.33
N ARG B 24 -7.42 -21.47 15.62
CA ARG B 24 -8.63 -22.29 15.85
C ARG B 24 -9.17 -22.91 14.53
N CYS B 25 -9.17 -24.23 14.45
CA CYS B 25 -9.74 -24.92 13.30
C CYS B 25 -11.23 -25.13 13.51
N ARG B 26 -12.05 -24.77 12.53
CA ARG B 26 -13.50 -25.00 12.59
C ARG B 26 -13.82 -26.46 12.21
N PRO B 27 -14.96 -27.00 12.68
CA PRO B 27 -15.34 -28.39 12.36
C PRO B 27 -15.92 -28.42 10.96
N PHE B 28 -15.95 -29.61 10.36
CA PHE B 28 -16.72 -29.82 9.13
C PHE B 28 -18.20 -29.47 9.31
N ASN B 29 -18.79 -28.88 8.28
CA ASN B 29 -20.24 -28.62 8.27
C ASN B 29 -21.04 -29.83 7.71
N LEU B 30 -22.36 -29.71 7.61
CA LEU B 30 -23.26 -30.79 7.14
C LEU B 30 -22.83 -31.32 5.78
N ALA B 31 -22.72 -30.41 4.82
CA ALA B 31 -22.26 -30.71 3.47
C ALA B 31 -20.96 -31.50 3.45
N GLU B 32 -20.02 -31.15 4.32
CA GLU B 32 -18.69 -31.66 4.20
C GLU B 32 -18.69 -33.07 4.75
N ARG B 33 -19.37 -33.26 5.88
CA ARG B 33 -19.56 -34.60 6.44
CA ARG B 33 -19.59 -34.60 6.44
C ARG B 33 -20.22 -35.53 5.40
N LYS B 34 -21.30 -35.04 4.80
CA LYS B 34 -22.01 -35.72 3.72
C LYS B 34 -21.11 -36.20 2.58
N ALA B 35 -20.17 -35.37 2.17
CA ALA B 35 -19.29 -35.69 1.03
C ALA B 35 -18.11 -36.51 1.52
N SER B 36 -18.27 -37.05 2.73
CA SER B 36 -17.21 -37.73 3.47
C SER B 36 -15.86 -37.01 3.34
N ALA B 37 -15.79 -35.75 3.80
CA ALA B 37 -14.51 -35.03 3.76
C ALA B 37 -13.47 -35.59 4.77
N HIS B 38 -12.23 -35.65 4.33
CA HIS B 38 -11.12 -36.00 5.20
C HIS B 38 -10.30 -34.73 5.52
N SER B 39 -10.15 -34.41 6.82
CA SER B 39 -9.53 -33.18 7.19
C SER B 39 -8.07 -33.21 6.77
N ILE B 40 -7.58 -32.13 6.17
CA ILE B 40 -6.14 -31.99 6.01
C ILE B 40 -5.39 -31.35 7.17
N VAL B 41 -6.12 -31.04 8.24
CA VAL B 41 -5.53 -30.43 9.45
C VAL B 41 -5.49 -31.37 10.67
N GLU B 42 -4.37 -31.43 11.36
CA GLU B 42 -4.33 -32.08 12.67
C GLU B 42 -3.83 -31.04 13.67
N CYS B 43 -4.58 -30.89 14.76
CA CYS B 43 -4.19 -30.02 15.84
C CYS B 43 -3.77 -30.86 17.03
N ASP B 44 -2.69 -30.45 17.71
CA ASP B 44 -2.20 -31.14 18.91
C ASP B 44 -2.02 -30.07 19.99
N PRO B 45 -3.10 -29.77 20.71
CA PRO B 45 -3.07 -28.66 21.67
C PRO B 45 -2.02 -28.81 22.75
N VAL B 46 -1.69 -30.04 23.15
CA VAL B 46 -0.65 -30.29 24.15
C VAL B 46 0.70 -29.79 23.69
N ARG B 47 1.07 -30.07 22.44
CA ARG B 47 2.31 -29.58 21.87
C ARG B 47 2.10 -28.23 21.17
N LYS B 48 0.89 -27.68 21.22
CA LYS B 48 0.66 -26.36 20.61
C LYS B 48 1.02 -26.34 19.12
N GLU B 49 0.66 -27.43 18.44
CA GLU B 49 1.06 -27.61 17.06
C GLU B 49 -0.14 -27.79 16.16
N VAL B 50 -0.04 -27.25 14.93
CA VAL B 50 -0.94 -27.63 13.85
C VAL B 50 -0.11 -28.23 12.76
N SER B 51 -0.66 -29.27 12.15
CA SER B 51 0.02 -29.94 11.07
C SER B 51 -0.92 -30.02 9.89
N VAL B 52 -0.41 -29.62 8.72
CA VAL B 52 -1.19 -29.61 7.48
C VAL B 52 -0.66 -30.54 6.42
N ARG B 53 -1.52 -31.43 5.96
CA ARG B 53 -1.26 -32.20 4.77
C ARG B 53 -1.24 -31.33 3.51
N THR B 54 -0.05 -31.21 2.90
CA THR B 54 0.21 -30.34 1.77
C THR B 54 0.22 -31.03 0.41
N GLY B 55 0.05 -32.34 0.33
CA GLY B 55 -0.55 -32.89 -0.87
C GLY B 55 0.20 -34.00 -1.59
N GLY B 56 0.89 -34.85 -0.81
CA GLY B 56 1.41 -36.16 -1.26
C GLY B 56 0.52 -37.26 -0.70
N LEU B 57 -0.79 -37.04 -0.78
CA LEU B 57 -1.81 -37.82 -0.12
C LEU B 57 -2.05 -39.17 -0.82
N ALA B 58 -2.34 -40.22 -0.03
CA ALA B 58 -2.57 -41.59 -0.55
C ALA B 58 -2.32 -42.00 0.95
N ASP B 59 -1.61 -43.13 1.12
CA ASP B 59 -1.27 -43.72 2.44
C ASP B 59 -0.07 -43.12 3.19
N LYS B 60 0.25 -41.88 2.85
CA LYS B 60 1.63 -41.42 2.67
C LYS B 60 1.55 -39.95 2.26
N SER B 61 2.46 -39.12 2.74
CA SER B 61 2.32 -37.75 2.35
C SER B 61 3.27 -36.75 3.01
N SER B 62 3.32 -35.55 2.46
CA SER B 62 4.16 -34.56 3.08
C SER B 62 3.27 -33.67 3.94
N ARG B 63 3.81 -33.11 5.00
CA ARG B 63 3.11 -32.19 5.87
CA ARG B 63 3.07 -32.26 5.93
C ARG B 63 3.85 -30.98 6.23
N LYS B 64 3.19 -29.89 6.59
CA LYS B 64 3.86 -28.78 7.23
C LYS B 64 3.30 -28.51 8.62
N THR B 65 4.20 -28.26 9.58
CA THR B 65 3.84 -28.09 10.96
C THR B 65 4.26 -26.72 11.46
N TYR B 66 3.48 -26.18 12.40
CA TYR B 66 3.74 -24.86 12.96
C TYR B 66 3.40 -24.95 14.44
N THR B 67 4.15 -24.22 15.26
CA THR B 67 3.87 -24.17 16.68
C THR B 67 3.34 -22.78 17.02
N PHE B 68 2.26 -22.72 17.80
CA PHE B 68 1.70 -21.44 18.21
C PHE B 68 1.71 -21.32 19.71
N ASP B 69 1.12 -20.25 20.24
CA ASP B 69 0.97 -20.10 21.68
C ASP B 69 -0.17 -20.97 22.20
N MET B 70 -1.26 -21.05 21.44
CA MET B 70 -2.24 -22.12 21.62
C MET B 70 -2.81 -22.62 20.31
N VAL B 71 -3.27 -23.85 20.33
CA VAL B 71 -3.95 -24.44 19.19
C VAL B 71 -5.26 -25.10 19.64
N PHE B 72 -6.34 -24.83 18.91
CA PHE B 72 -7.64 -25.35 19.21
C PHE B 72 -8.16 -26.08 17.99
N GLY B 73 -8.41 -27.38 18.15
CA GLY B 73 -8.87 -28.22 17.03
C GLY B 73 -10.35 -28.03 16.78
N ALA B 74 -10.84 -28.73 15.77
CA ALA B 74 -12.26 -28.85 15.44
C ALA B 74 -13.26 -29.02 16.59
N SER B 75 -12.91 -29.80 17.60
CA SER B 75 -13.81 -30.10 18.71
C SER B 75 -13.96 -28.98 19.73
N THR B 76 -13.20 -27.92 19.58
CA THR B 76 -13.23 -26.84 20.57
C THR B 76 -14.54 -26.06 20.58
N LYS B 77 -15.06 -25.84 21.78
CA LYS B 77 -16.31 -25.18 21.93
C LYS B 77 -16.09 -23.74 22.36
N GLN B 78 -17.14 -22.94 22.29
CA GLN B 78 -17.02 -21.52 22.61
C GLN B 78 -16.52 -21.37 24.06
N ILE B 79 -17.02 -22.22 24.96
CA ILE B 79 -16.68 -22.12 26.41
C ILE B 79 -15.21 -22.45 26.63
N ASP B 80 -14.63 -23.25 25.73
CA ASP B 80 -13.22 -23.56 25.86
C ASP B 80 -12.35 -22.35 25.52
N VAL B 81 -12.73 -21.64 24.47
CA VAL B 81 -12.04 -20.41 24.06
C VAL B 81 -12.20 -19.38 25.17
N TYR B 82 -13.41 -19.20 25.69
CA TYR B 82 -13.61 -18.23 26.74
CA TYR B 82 -13.70 -18.27 26.79
C TYR B 82 -12.79 -18.49 28.02
N ARG B 83 -12.75 -19.72 28.53
CA ARG B 83 -11.95 -20.04 29.72
C ARG B 83 -10.45 -19.91 29.55
N SER B 84 -9.93 -20.29 28.37
CA SER B 84 -8.49 -20.34 28.11
C SER B 84 -7.86 -19.02 27.61
N VAL B 85 -8.66 -18.26 26.89
CA VAL B 85 -8.15 -17.11 26.19
C VAL B 85 -8.77 -15.85 26.73
N VAL B 86 -10.11 -15.81 26.82
CA VAL B 86 -10.84 -14.58 27.12
C VAL B 86 -10.69 -14.16 28.60
N CYS B 87 -11.01 -15.09 29.52
CA CYS B 87 -10.97 -14.79 30.95
CA CYS B 87 -10.98 -14.79 30.95
C CYS B 87 -9.63 -14.22 31.43
N PRO B 88 -8.52 -14.81 31.01
CA PRO B 88 -7.30 -14.14 31.51
C PRO B 88 -7.08 -12.72 30.97
N ILE B 89 -7.41 -12.50 29.71
CA ILE B 89 -7.26 -11.16 29.13
C ILE B 89 -8.23 -10.20 29.79
N LEU B 90 -9.46 -10.65 29.99
CA LEU B 90 -10.41 -9.82 30.75
C LEU B 90 -9.94 -9.43 32.16
N ASP B 91 -9.45 -10.39 32.97
CA ASP B 91 -8.85 -10.01 34.25
C ASP B 91 -7.77 -8.94 34.05
N GLU B 92 -6.91 -9.08 33.04
CA GLU B 92 -5.93 -8.03 32.82
C GLU B 92 -6.62 -6.67 32.51
N VAL B 93 -7.71 -6.70 31.74
CA VAL B 93 -8.44 -5.45 31.47
C VAL B 93 -8.97 -4.83 32.75
N ILE B 94 -9.48 -5.67 33.65
CA ILE B 94 -10.06 -5.24 34.92
C ILE B 94 -9.04 -4.65 35.96
N MET B 95 -7.78 -5.10 35.92
CA MET B 95 -6.64 -4.42 36.55
C MET B 95 -6.21 -3.10 35.93
N GLY B 96 -6.82 -2.75 34.79
CA GLY B 96 -6.65 -1.42 34.21
C GLY B 96 -5.62 -1.37 33.12
N TYR B 97 -5.36 -2.49 32.47
CA TYR B 97 -4.64 -2.48 31.21
C TYR B 97 -5.53 -2.28 29.96
N ASN B 98 -4.91 -1.99 28.84
CA ASN B 98 -5.57 -2.10 27.56
C ASN B 98 -5.21 -3.41 26.87
N CYS B 99 -6.23 -4.05 26.33
CA CYS B 99 -6.02 -5.31 25.55
C CYS B 99 -6.75 -5.28 24.21
N THR B 100 -6.23 -6.01 23.24
CA THR B 100 -6.90 -6.18 21.96
C THR B 100 -6.91 -7.66 21.59
N ILE B 101 -8.04 -8.14 21.09
CA ILE B 101 -8.07 -9.44 20.42
C ILE B 101 -8.55 -9.29 18.96
N PHE B 102 -7.73 -9.79 18.04
CA PHE B 102 -8.09 -9.83 16.62
C PHE B 102 -8.55 -11.24 16.28
N ALA B 103 -9.44 -11.33 15.29
CA ALA B 103 -9.64 -12.61 14.60
C ALA B 103 -9.18 -12.44 13.15
N TYR B 104 -8.39 -13.38 12.65
CA TYR B 104 -7.76 -13.27 11.34
C TYR B 104 -7.94 -14.60 10.60
N GLY B 105 -8.32 -14.53 9.33
CA GLY B 105 -8.48 -15.74 8.54
C GLY B 105 -9.42 -15.58 7.34
N GLN B 106 -9.45 -16.59 6.50
CA GLN B 106 -10.23 -16.46 5.29
C GLN B 106 -11.73 -16.49 5.61
N THR B 107 -12.54 -15.81 4.81
CA THR B 107 -13.98 -15.92 4.94
C THR B 107 -14.44 -17.39 4.98
N GLY B 108 -15.34 -17.71 5.92
CA GLY B 108 -15.85 -19.04 6.13
C GLY B 108 -15.13 -19.86 7.19
N THR B 109 -14.11 -19.31 7.85
CA THR B 109 -13.34 -20.13 8.80
C THR B 109 -13.74 -19.91 10.26
N GLY B 110 -14.56 -18.89 10.53
CA GLY B 110 -15.09 -18.64 11.87
C GLY B 110 -14.55 -17.45 12.65
N LYS B 111 -14.08 -16.43 11.95
CA LYS B 111 -13.76 -15.17 12.64
C LYS B 111 -14.97 -14.67 13.40
N THR B 112 -16.07 -14.46 12.69
CA THR B 112 -17.30 -13.98 13.34
C THR B 112 -17.89 -14.94 14.36
N PHE B 113 -17.96 -16.21 14.01
CA PHE B 113 -18.33 -17.23 14.97
C PHE B 113 -17.51 -17.11 16.24
N THR B 114 -16.21 -16.88 16.12
CA THR B 114 -15.37 -16.84 17.30
C THR B 114 -15.58 -15.54 18.04
N MET B 115 -15.60 -14.44 17.30
CA MET B 115 -15.68 -13.14 17.97
C MET B 115 -17.07 -12.83 18.47
N GLU B 116 -18.12 -13.22 17.72
CA GLU B 116 -19.49 -12.85 18.13
C GLU B 116 -20.27 -14.09 18.62
N GLY B 117 -20.12 -15.18 17.90
CA GLY B 117 -20.90 -16.38 18.12
C GLY B 117 -22.26 -16.23 17.47
N GLU B 118 -23.17 -17.15 17.78
CA GLU B 118 -24.46 -17.24 17.11
C GLU B 118 -25.47 -17.58 18.19
N ARG B 119 -26.74 -17.50 17.82
CA ARG B 119 -27.81 -18.04 18.64
C ARG B 119 -28.01 -19.53 18.33
N SER B 120 -28.27 -20.33 19.36
CA SER B 120 -28.81 -21.67 19.10
C SER B 120 -30.21 -21.57 18.52
N PRO B 121 -30.52 -22.43 17.55
CA PRO B 121 -31.80 -22.42 16.85
C PRO B 121 -33.02 -22.58 17.78
N ASN B 122 -34.17 -22.12 17.29
CA ASN B 122 -35.41 -22.44 17.97
C ASN B 122 -35.54 -21.91 19.39
N GLU B 123 -34.86 -20.81 19.70
CA GLU B 123 -35.03 -20.16 21.02
C GLU B 123 -34.73 -21.07 22.19
N GLU B 124 -33.77 -21.98 22.04
CA GLU B 124 -33.54 -22.96 23.07
C GLU B 124 -32.97 -22.31 24.33
N TYR B 125 -32.17 -21.25 24.19
CA TYR B 125 -31.49 -20.66 25.33
C TYR B 125 -31.74 -19.15 25.44
N THR B 126 -31.53 -18.61 26.65
CA THR B 126 -31.32 -17.17 26.77
C THR B 126 -29.91 -16.83 26.26
N TRP B 127 -29.68 -15.56 25.94
CA TRP B 127 -28.41 -15.15 25.37
C TRP B 127 -27.24 -15.38 26.33
N GLU B 128 -27.48 -15.33 27.64
CA GLU B 128 -26.40 -15.47 28.58
C GLU B 128 -25.98 -16.91 28.86
N GLU B 129 -26.84 -17.86 28.55
CA GLU B 129 -26.42 -19.25 28.71
CA GLU B 129 -26.62 -19.30 28.69
C GLU B 129 -26.23 -19.96 27.36
N ASP B 130 -26.33 -19.24 26.26
CA ASP B 130 -26.18 -19.88 24.95
C ASP B 130 -24.77 -20.43 24.68
N PRO B 131 -24.65 -21.73 24.44
CA PRO B 131 -23.35 -22.34 24.21
C PRO B 131 -22.67 -21.85 22.95
N LEU B 132 -23.44 -21.32 22.00
CA LEU B 132 -22.84 -20.74 20.78
C LEU B 132 -22.39 -19.29 20.91
N ALA B 133 -22.74 -18.64 22.01
CA ALA B 133 -22.22 -17.28 22.28
C ALA B 133 -20.71 -17.20 22.13
N GLY B 134 -20.19 -16.14 21.53
CA GLY B 134 -18.73 -16.02 21.41
C GLY B 134 -18.15 -14.94 22.32
N ILE B 135 -17.06 -14.31 21.91
CA ILE B 135 -16.25 -13.56 22.82
C ILE B 135 -16.94 -12.30 23.34
N ILE B 136 -17.53 -11.52 22.44
CA ILE B 136 -18.15 -10.26 22.84
C ILE B 136 -19.34 -10.40 23.83
N PRO B 137 -20.38 -11.19 23.50
CA PRO B 137 -21.40 -11.30 24.55
C PRO B 137 -20.90 -11.93 25.86
N ARG B 138 -20.03 -12.94 25.78
CA ARG B 138 -19.51 -13.58 27.01
C ARG B 138 -18.73 -12.60 27.87
N THR B 139 -17.83 -11.87 27.24
CA THR B 139 -17.12 -10.76 27.88
C THR B 139 -18.06 -9.74 28.54
N LEU B 140 -19.07 -9.26 27.82
CA LEU B 140 -19.91 -8.21 28.40
C LEU B 140 -20.69 -8.76 29.58
N HIS B 141 -21.22 -9.97 29.45
CA HIS B 141 -21.88 -10.65 30.55
C HIS B 141 -20.95 -10.78 31.77
N GLN B 142 -19.73 -11.23 31.57
CA GLN B 142 -18.79 -11.43 32.63
C GLN B 142 -18.34 -10.21 33.35
N ILE B 143 -18.25 -9.11 32.65
CA ILE B 143 -17.83 -7.86 33.28
C ILE B 143 -18.84 -7.56 34.38
N PHE B 144 -20.13 -7.64 34.08
CA PHE B 144 -21.16 -7.32 35.08
C PHE B 144 -21.18 -8.36 36.18
N GLU B 145 -20.93 -9.62 35.81
CA GLU B 145 -20.95 -10.72 36.74
C GLU B 145 -19.78 -10.51 37.70
N LYS B 146 -18.57 -10.23 37.19
CA LYS B 146 -17.43 -10.08 38.08
C LYS B 146 -17.55 -8.85 38.97
N LEU B 147 -18.11 -7.76 38.45
CA LEU B 147 -17.93 -6.49 39.15
C LEU B 147 -19.14 -6.13 40.01
N THR B 148 -20.30 -6.73 39.70
CA THR B 148 -21.54 -6.23 40.29
C THR B 148 -21.54 -6.52 41.79
N ASP B 149 -21.67 -5.46 42.59
CA ASP B 149 -21.75 -5.53 44.06
CA ASP B 149 -21.79 -5.58 44.05
C ASP B 149 -20.65 -6.43 44.63
N ASN B 150 -19.46 -6.32 44.03
CA ASN B 150 -18.27 -7.00 44.55
C ASN B 150 -17.20 -6.02 45.00
N GLY B 151 -17.61 -4.86 45.46
CA GLY B 151 -16.66 -3.92 46.05
C GLY B 151 -16.30 -2.79 45.09
N THR B 152 -16.86 -2.85 43.87
CA THR B 152 -16.48 -1.94 42.79
C THR B 152 -17.66 -1.17 42.17
N GLU B 153 -17.61 0.17 42.25
CA GLU B 153 -18.43 1.00 41.37
C GLU B 153 -17.72 1.07 40.01
N PHE B 154 -18.50 0.99 38.95
CA PHE B 154 -17.90 0.87 37.63
C PHE B 154 -18.93 1.33 36.60
N SER B 155 -18.41 1.76 35.45
CA SER B 155 -19.29 1.97 34.30
C SER B 155 -18.72 1.31 33.05
N VAL B 156 -19.62 0.87 32.20
CA VAL B 156 -19.23 0.16 30.98
C VAL B 156 -19.75 0.96 29.80
N LYS B 157 -18.84 1.26 28.87
CA LYS B 157 -19.17 1.90 27.60
C LYS B 157 -18.69 1.03 26.42
N VAL B 158 -19.48 0.99 25.37
CA VAL B 158 -19.13 0.22 24.19
C VAL B 158 -19.30 1.10 22.96
N SER B 159 -18.48 0.83 21.97
CA SER B 159 -18.67 1.39 20.66
C SER B 159 -18.26 0.36 19.60
N LEU B 160 -18.71 0.58 18.36
CA LEU B 160 -18.56 -0.39 17.31
C LEU B 160 -18.28 0.37 16.01
N LEU B 161 -17.00 0.36 15.66
CA LEU B 161 -16.51 1.17 14.58
C LEU B 161 -16.12 0.20 13.44
N GLU B 162 -16.52 0.52 12.22
CA GLU B 162 -16.23 -0.36 11.11
C GLU B 162 -15.57 0.41 9.98
N ILE B 163 -14.73 -0.32 9.26
CA ILE B 163 -13.91 0.23 8.19
C ILE B 163 -14.25 -0.53 6.92
N TYR B 164 -14.71 0.21 5.94
CA TYR B 164 -15.07 -0.40 4.66
C TYR B 164 -14.60 0.53 3.56
N ASN B 165 -13.81 0.00 2.64
CA ASN B 165 -13.15 0.84 1.64
C ASN B 165 -12.45 2.08 2.22
N GLU B 166 -11.82 1.93 3.39
CA GLU B 166 -11.19 3.06 4.09
C GLU B 166 -12.13 4.15 4.49
N GLU B 167 -13.41 3.83 4.68
CA GLU B 167 -14.30 4.79 5.32
C GLU B 167 -14.81 4.22 6.64
N LEU B 168 -15.18 5.10 7.54
CA LEU B 168 -15.50 4.75 8.90
C LEU B 168 -16.98 4.88 9.14
N PHE B 169 -17.53 3.86 9.78
CA PHE B 169 -18.96 3.72 10.02
C PHE B 169 -19.19 3.40 11.50
N ASP B 170 -20.26 3.97 12.05
CA ASP B 170 -20.64 3.75 13.43
C ASP B 170 -21.86 2.86 13.39
N LEU B 171 -21.69 1.59 13.72
CA LEU B 171 -22.78 0.63 13.74
C LEU B 171 -23.61 0.59 15.03
N LEU B 172 -23.45 1.55 15.96
CA LEU B 172 -24.29 1.52 17.15
C LEU B 172 -25.19 2.73 17.31
N ASN B 173 -24.80 3.86 16.73
CA ASN B 173 -25.56 5.08 16.86
C ASN B 173 -26.99 4.95 16.31
N PRO B 174 -27.97 4.96 17.23
CA PRO B 174 -29.34 4.56 16.93
C PRO B 174 -30.08 5.68 16.21
N SER B 175 -29.41 6.82 16.02
CA SER B 175 -30.08 7.95 15.43
C SER B 175 -29.35 8.60 14.26
N SER B 176 -28.41 7.90 13.66
CA SER B 176 -27.91 8.29 12.35
C SER B 176 -27.94 7.07 11.45
N ASP B 177 -27.95 7.28 10.15
CA ASP B 177 -28.00 6.11 9.29
C ASP B 177 -26.62 5.69 8.77
N VAL B 178 -26.53 4.42 8.41
CA VAL B 178 -25.28 3.83 7.97
C VAL B 178 -24.42 4.66 7.01
N SER B 179 -25.03 5.23 5.97
CA SER B 179 -24.33 6.03 4.94
C SER B 179 -23.58 7.26 5.41
N GLU B 180 -23.80 7.70 6.64
CA GLU B 180 -23.01 8.81 7.18
C GLU B 180 -21.65 8.35 7.70
N ARG B 181 -20.57 8.75 7.03
CA ARG B 181 -19.21 8.37 7.38
C ARG B 181 -18.68 9.21 8.54
N LEU B 182 -17.70 8.70 9.27
CA LEU B 182 -17.08 9.49 10.32
C LEU B 182 -15.74 9.97 9.82
N GLN B 183 -15.29 11.11 10.35
CA GLN B 183 -13.97 11.68 10.07
CA GLN B 183 -13.94 11.56 10.01
C GLN B 183 -12.98 11.30 11.17
N MET B 184 -11.73 11.13 10.81
CA MET B 184 -10.68 10.75 11.71
C MET B 184 -9.59 11.83 11.64
N PHE B 185 -9.08 12.22 12.79
CA PHE B 185 -7.99 13.20 12.93
C PHE B 185 -6.98 12.66 13.95
N ASP B 186 -5.74 13.15 13.89
CA ASP B 186 -4.80 12.96 14.99
C ASP B 186 -5.22 13.61 16.32
N ASP B 187 -4.88 12.94 17.41
CA ASP B 187 -5.20 13.43 18.75
C ASP B 187 -3.99 14.17 19.26
N PRO B 188 -4.04 15.51 19.25
CA PRO B 188 -2.84 16.31 19.55
C PRO B 188 -2.34 16.04 20.96
N ARG B 189 -3.19 15.51 21.84
CA ARG B 189 -2.77 15.19 23.19
C ARG B 189 -1.72 14.06 23.20
N ASN B 190 -2.10 12.85 22.76
CA ASN B 190 -1.15 11.73 22.58
C ASN B 190 -0.82 11.36 21.11
N LYS B 191 0.45 11.54 20.72
CA LYS B 191 0.87 11.61 19.30
C LYS B 191 0.56 10.35 18.48
N ARG B 192 0.32 9.25 19.19
CA ARG B 192 0.04 7.96 18.58
C ARG B 192 -1.46 7.55 18.58
N GLY B 193 -2.30 8.40 19.17
CA GLY B 193 -3.75 8.19 19.19
C GLY B 193 -4.46 8.94 18.08
N VAL B 194 -5.76 8.71 17.99
CA VAL B 194 -6.59 9.44 17.04
C VAL B 194 -7.89 9.87 17.68
N ILE B 195 -8.54 10.85 17.06
CA ILE B 195 -9.91 11.18 17.42
C ILE B 195 -10.83 10.79 16.29
N ILE B 196 -11.82 9.97 16.62
CA ILE B 196 -12.89 9.67 15.71
C ILE B 196 -14.09 10.56 16.02
N LYS B 197 -14.31 11.55 15.16
CA LYS B 197 -15.34 12.54 15.41
C LYS B 197 -16.73 11.93 15.22
N GLY B 198 -17.58 12.08 16.22
CA GLY B 198 -18.97 11.63 16.12
C GLY B 198 -19.21 10.18 16.52
N LEU B 199 -18.17 9.46 16.94
CA LEU B 199 -18.37 8.05 17.28
C LEU B 199 -19.16 7.91 18.55
N GLU B 200 -20.28 7.21 18.48
CA GLU B 200 -21.15 7.04 19.64
C GLU B 200 -20.56 6.02 20.62
N GLU B 201 -20.54 6.41 21.87
CA GLU B 201 -20.19 5.51 22.94
C GLU B 201 -21.45 5.32 23.76
N ILE B 202 -21.90 4.08 23.88
CA ILE B 202 -23.15 3.79 24.58
C ILE B 202 -22.81 3.25 25.97
N THR B 203 -23.40 3.85 26.99
CA THR B 203 -23.22 3.34 28.34
C THR B 203 -24.10 2.12 28.49
N VAL B 204 -23.52 1.01 28.94
CA VAL B 204 -24.33 -0.18 29.24
C VAL B 204 -24.54 -0.28 30.76
N HIS B 205 -25.75 0.03 31.25
CA HIS B 205 -25.96 0.25 32.69
C HIS B 205 -25.99 -1.04 33.52
N ASN B 206 -26.46 -2.15 32.94
CA ASN B 206 -26.47 -3.46 33.58
C ASN B 206 -26.52 -4.52 32.48
N LYS B 207 -26.40 -5.78 32.84
CA LYS B 207 -26.30 -6.83 31.85
C LYS B 207 -27.60 -6.89 31.05
N ASP B 208 -28.70 -6.48 31.67
CA ASP B 208 -29.98 -6.48 30.94
C ASP B 208 -30.12 -5.41 29.83
N GLU B 209 -29.07 -4.63 29.59
CA GLU B 209 -29.05 -3.76 28.41
C GLU B 209 -28.15 -4.28 27.32
N VAL B 210 -27.35 -5.31 27.61
CA VAL B 210 -26.42 -5.84 26.59
C VAL B 210 -27.08 -6.31 25.26
N TYR B 211 -28.07 -7.18 25.35
CA TYR B 211 -28.52 -7.86 24.14
C TYR B 211 -29.06 -6.90 23.08
N GLN B 212 -29.89 -5.98 23.55
CA GLN B 212 -30.52 -5.02 22.66
CA GLN B 212 -30.51 -4.96 22.75
C GLN B 212 -29.47 -4.20 21.91
N ILE B 213 -28.36 -3.85 22.57
CA ILE B 213 -27.29 -3.09 21.92
C ILE B 213 -26.65 -3.94 20.82
N LEU B 214 -26.37 -5.20 21.10
CA LEU B 214 -25.91 -6.13 20.07
C LEU B 214 -26.92 -6.38 18.94
N GLU B 215 -28.20 -6.47 19.27
CA GLU B 215 -29.25 -6.47 18.23
C GLU B 215 -29.24 -5.26 17.30
N LYS B 216 -29.17 -4.07 17.90
CA LYS B 216 -29.19 -2.83 17.15
C LYS B 216 -28.00 -2.84 16.19
N GLY B 217 -26.83 -3.19 16.70
CA GLY B 217 -25.65 -3.30 15.84
C GLY B 217 -25.85 -4.18 14.61
N ALA B 218 -26.51 -5.32 14.80
CA ALA B 218 -26.69 -6.33 13.78
C ALA B 218 -27.65 -5.79 12.73
N ALA B 219 -28.67 -5.08 13.21
CA ALA B 219 -29.68 -4.51 12.27
C ALA B 219 -29.08 -3.41 11.44
N LYS B 220 -28.27 -2.56 12.05
CA LYS B 220 -27.62 -1.46 11.35
C LYS B 220 -26.66 -2.01 10.28
N ARG B 221 -25.96 -3.08 10.62
CA ARG B 221 -25.04 -3.72 9.69
C ARG B 221 -25.78 -4.33 8.52
N THR B 222 -27.00 -4.80 8.78
CA THR B 222 -27.83 -5.40 7.75
C THR B 222 -28.05 -4.43 6.59
N THR B 223 -28.32 -3.17 6.94
CA THR B 223 -28.53 -2.15 5.96
C THR B 223 -27.17 -1.85 5.31
N ALA B 224 -26.09 -1.85 6.06
CA ALA B 224 -24.74 -1.65 5.45
C ALA B 224 -24.45 -2.69 4.33
N ALA B 225 -24.81 -3.92 4.60
CA ALA B 225 -24.61 -5.00 3.64
C ALA B 225 -25.35 -4.70 2.36
N THR B 226 -26.45 -3.95 2.48
CA THR B 226 -27.34 -3.75 1.37
C THR B 226 -26.69 -2.68 0.52
N LEU B 227 -26.05 -1.69 1.17
CA LEU B 227 -25.47 -0.53 0.50
CA LEU B 227 -25.47 -0.54 0.48
C LEU B 227 -24.06 -0.80 -0.04
N MET B 228 -23.34 -1.73 0.58
CA MET B 228 -21.93 -1.92 0.26
C MET B 228 -21.63 -3.35 -0.11
N ASN B 229 -20.92 -3.57 -1.21
CA ASN B 229 -20.81 -4.93 -1.76
C ASN B 229 -19.96 -5.81 -0.85
N ALA B 230 -20.40 -7.05 -0.65
CA ALA B 230 -19.71 -8.01 0.22
C ALA B 230 -19.24 -7.39 1.55
N TYR B 231 -20.07 -6.53 2.10
CA TYR B 231 -19.71 -5.86 3.34
C TYR B 231 -19.15 -6.76 4.46
N SER B 232 -19.81 -7.88 4.71
CA SER B 232 -19.51 -8.74 5.87
C SER B 232 -18.19 -9.41 5.66
N SER B 233 -17.75 -9.50 4.42
CA SER B 233 -16.49 -10.13 4.09
C SER B 233 -15.37 -9.13 4.06
N ARG B 234 -15.68 -7.88 3.71
CA ARG B 234 -14.59 -6.98 3.34
C ARG B 234 -14.39 -5.89 4.37
N SER B 235 -15.28 -5.81 5.35
CA SER B 235 -15.18 -4.77 6.38
C SER B 235 -14.39 -5.26 7.60
N HIS B 236 -13.82 -4.32 8.35
CA HIS B 236 -13.19 -4.65 9.63
C HIS B 236 -14.10 -4.08 10.70
N SER B 237 -14.23 -4.76 11.82
CA SER B 237 -15.04 -4.14 12.87
C SER B 237 -14.26 -4.12 14.15
N VAL B 238 -14.41 -3.03 14.91
CA VAL B 238 -13.73 -2.86 16.16
C VAL B 238 -14.82 -2.62 17.20
N PHE B 239 -15.12 -3.67 17.96
CA PHE B 239 -16.00 -3.55 19.11
C PHE B 239 -15.20 -3.15 20.36
N SER B 240 -15.36 -1.94 20.85
CA SER B 240 -14.59 -1.50 22.00
C SER B 240 -15.41 -1.47 23.28
N VAL B 241 -14.83 -1.96 24.36
CA VAL B 241 -15.47 -1.90 25.68
C VAL B 241 -14.52 -1.14 26.61
N THR B 242 -15.01 -0.04 27.20
CA THR B 242 -14.19 0.72 28.15
C THR B 242 -14.79 0.59 29.55
N ILE B 243 -13.98 0.13 30.51
CA ILE B 243 -14.46 0.03 31.89
C ILE B 243 -13.79 1.04 32.83
N HIS B 244 -14.59 1.91 33.43
CA HIS B 244 -14.11 2.84 34.46
C HIS B 244 -14.55 2.28 35.82
N MET B 245 -13.56 2.14 36.70
CA MET B 245 -13.76 1.40 37.93
C MET B 245 -13.22 2.24 39.10
N LYS B 246 -13.99 2.27 40.18
CA LYS B 246 -13.47 2.74 41.48
C LYS B 246 -13.69 1.63 42.50
N GLU B 247 -12.63 0.90 42.85
CA GLU B 247 -12.84 -0.18 43.81
C GLU B 247 -12.44 0.23 45.23
N THR B 248 -13.30 -0.12 46.19
CA THR B 248 -13.02 0.09 47.63
C THR B 248 -12.68 -1.29 48.20
N THR B 249 -11.39 -1.52 48.45
CA THR B 249 -10.96 -2.76 49.10
C THR B 249 -11.70 -2.95 50.41
N ILE B 250 -11.75 -4.20 50.88
CA ILE B 250 -12.24 -4.53 52.22
C ILE B 250 -11.54 -3.76 53.33
N ASP B 251 -10.35 -3.20 53.06
CA ASP B 251 -9.69 -2.37 54.05
C ASP B 251 -9.99 -0.87 53.90
N GLY B 252 -10.80 -0.51 52.90
CA GLY B 252 -11.24 0.86 52.72
C GLY B 252 -10.35 1.74 51.87
N GLU B 253 -9.42 1.14 51.13
CA GLU B 253 -8.62 1.90 50.14
C GLU B 253 -9.44 2.07 48.86
N GLU B 254 -9.22 3.18 48.15
CA GLU B 254 -9.97 3.46 46.93
C GLU B 254 -9.07 3.36 45.72
N LEU B 255 -9.36 2.48 44.78
CA LEU B 255 -8.48 2.35 43.61
C LEU B 255 -9.26 2.66 42.36
N VAL B 256 -8.82 3.68 41.63
CA VAL B 256 -9.40 4.09 40.36
C VAL B 256 -8.63 3.48 39.20
N LYS B 257 -9.34 2.71 38.37
CA LYS B 257 -8.70 2.03 37.24
C LYS B 257 -9.53 2.29 36.00
N ILE B 258 -8.87 2.25 34.86
CA ILE B 258 -9.56 2.26 33.58
C ILE B 258 -9.03 1.14 32.71
N GLY B 259 -9.92 0.22 32.32
CA GLY B 259 -9.53 -0.83 31.39
C GLY B 259 -10.21 -0.69 30.03
N LYS B 260 -9.44 -0.94 28.97
CA LYS B 260 -10.02 -0.99 27.65
C LYS B 260 -9.75 -2.30 26.89
N LEU B 261 -10.79 -2.86 26.30
CA LEU B 261 -10.68 -4.03 25.40
C LEU B 261 -11.19 -3.72 23.99
N ASN B 262 -10.34 -3.98 22.96
CA ASN B 262 -10.77 -3.95 21.56
C ASN B 262 -11.00 -5.36 20.99
N LEU B 263 -12.17 -5.60 20.42
CA LEU B 263 -12.50 -6.96 19.92
C LEU B 263 -12.72 -6.91 18.42
N VAL B 264 -11.73 -7.40 17.68
CA VAL B 264 -11.61 -7.02 16.29
C VAL B 264 -11.84 -8.19 15.36
N ASP B 265 -12.85 -8.04 14.51
CA ASP B 265 -13.22 -9.02 13.46
C ASP B 265 -12.73 -8.48 12.12
N LEU B 266 -11.57 -8.94 11.68
CA LEU B 266 -10.94 -8.48 10.44
C LEU B 266 -11.67 -8.87 9.15
N ALA B 267 -11.51 -8.05 8.12
CA ALA B 267 -11.86 -8.46 6.76
C ALA B 267 -11.25 -9.82 6.48
N GLY B 268 -11.92 -10.58 5.62
CA GLY B 268 -11.38 -11.89 5.21
C GLY B 268 -10.04 -11.75 4.50
N SER B 269 -9.13 -12.67 4.84
CA SER B 269 -7.73 -12.60 4.39
C SER B 269 -7.50 -13.10 2.97
N GLU B 270 -8.51 -13.73 2.36
CA GLU B 270 -8.36 -14.48 1.12
C GLU B 270 -7.91 -13.61 -0.06
N ASN B 271 -7.07 -14.23 -0.90
CA ASN B 271 -6.84 -13.78 -2.27
CA ASN B 271 -6.89 -13.85 -2.32
C ASN B 271 -8.07 -13.93 -3.17
N ILE B 288 -9.52 -4.10 -3.47
CA ILE B 288 -8.29 -3.79 -2.74
C ILE B 288 -8.58 -3.37 -1.29
N ASN B 289 -8.09 -4.14 -0.33
CA ASN B 289 -8.29 -3.78 1.09
C ASN B 289 -7.06 -3.09 1.69
N GLN B 290 -7.07 -1.77 1.67
CA GLN B 290 -5.93 -1.01 2.12
C GLN B 290 -5.60 -1.24 3.61
N SER B 291 -6.61 -1.42 4.47
CA SER B 291 -6.34 -1.64 5.88
C SER B 291 -5.77 -3.02 6.12
N LEU B 292 -6.24 -4.02 5.37
CA LEU B 292 -5.65 -5.36 5.46
C LEU B 292 -4.22 -5.41 4.91
N LEU B 293 -4.00 -4.78 3.76
CA LEU B 293 -2.66 -4.74 3.16
C LEU B 293 -1.67 -4.09 4.12
N THR B 294 -2.10 -3.01 4.74
CA THR B 294 -1.26 -2.26 5.65
C THR B 294 -1.01 -3.02 6.95
N LEU B 295 -2.01 -3.78 7.41
CA LEU B 295 -1.85 -4.53 8.64
C LEU B 295 -0.70 -5.52 8.45
N GLY B 296 -0.69 -6.24 7.34
CA GLY B 296 0.41 -7.16 7.09
C GLY B 296 1.76 -6.46 6.91
N ARG B 297 1.75 -5.27 6.30
CA ARG B 297 3.03 -4.55 6.13
C ARG B 297 3.52 -4.01 7.45
N VAL B 298 2.61 -3.54 8.30
CA VAL B 298 2.96 -3.16 9.67
C VAL B 298 3.57 -4.33 10.46
N ILE B 299 2.98 -5.52 10.34
CA ILE B 299 3.49 -6.70 11.04
C ILE B 299 4.89 -7.03 10.54
N THR B 300 5.09 -6.93 9.24
CA THR B 300 6.40 -7.22 8.63
C THR B 300 7.44 -6.21 9.13
N ALA B 301 7.12 -4.92 9.12
CA ALA B 301 8.04 -3.93 9.70
C ALA B 301 8.39 -4.21 11.15
N LEU B 302 7.40 -4.52 11.97
CA LEU B 302 7.66 -4.72 13.39
C LEU B 302 8.58 -5.92 13.66
N VAL B 303 8.33 -7.02 12.93
CA VAL B 303 9.11 -8.24 13.02
C VAL B 303 10.50 -8.16 12.37
N GLU B 304 10.64 -7.35 11.32
CA GLU B 304 11.95 -7.22 10.71
C GLU B 304 12.74 -6.09 11.35
N ARG B 305 12.12 -5.45 12.34
CA ARG B 305 12.63 -4.30 13.05
C ARG B 305 13.11 -3.18 12.14
N THR B 306 12.48 -2.96 10.99
CA THR B 306 12.80 -1.78 10.20
C THR B 306 12.29 -0.53 10.93
N PRO B 307 13.06 0.56 10.88
CA PRO B 307 12.73 1.71 11.74
C PRO B 307 11.39 2.39 11.43
N HIS B 308 11.00 2.36 10.15
CA HIS B 308 9.76 2.97 9.72
C HIS B 308 8.64 1.93 9.65
N VAL B 309 7.60 2.16 10.45
CA VAL B 309 6.48 1.24 10.51
C VAL B 309 5.28 1.99 9.98
N PRO B 310 4.64 1.48 8.93
CA PRO B 310 3.68 2.32 8.19
C PRO B 310 2.26 2.38 8.77
N TYR B 311 2.14 2.62 10.06
CA TYR B 311 0.83 2.79 10.66
C TYR B 311 -0.08 3.74 9.88
N ARG B 312 0.45 4.86 9.37
CA ARG B 312 -0.43 5.87 8.79
C ARG B 312 -0.97 5.52 7.42
N GLU B 313 -0.49 4.43 6.84
CA GLU B 313 -0.96 4.04 5.52
C GLU B 313 -2.40 3.45 5.46
N SER B 314 -3.07 3.24 6.59
CA SER B 314 -4.48 2.77 6.55
C SER B 314 -5.23 3.23 7.79
N LYS B 315 -6.55 3.28 7.70
CA LYS B 315 -7.34 3.59 8.90
C LYS B 315 -7.24 2.55 10.00
N LEU B 316 -7.30 1.26 9.67
CA LEU B 316 -7.22 0.24 10.70
C LEU B 316 -5.94 0.39 11.56
N THR B 317 -4.81 0.59 10.92
CA THR B 317 -3.53 0.61 11.66
C THR B 317 -3.25 1.95 12.35
N ARG B 318 -3.94 3.00 11.92
CA ARG B 318 -3.91 4.21 12.74
C ARG B 318 -4.72 4.01 14.00
N ILE B 319 -5.92 3.49 13.87
CA ILE B 319 -6.80 3.30 15.00
C ILE B 319 -6.16 2.34 16.03
N LEU B 320 -5.56 1.26 15.53
CA LEU B 320 -5.12 0.18 16.41
C LEU B 320 -3.60 0.22 16.59
N GLN B 321 -3.01 1.37 16.27
CA GLN B 321 -1.57 1.53 16.38
C GLN B 321 -0.97 1.01 17.71
N ASP B 322 -1.54 1.43 18.83
CA ASP B 322 -1.05 0.95 20.14
C ASP B 322 -1.16 -0.58 20.38
N SER B 323 -1.91 -1.28 19.54
CA SER B 323 -2.10 -2.74 19.65
C SER B 323 -1.03 -3.47 18.90
N LEU B 324 -0.26 -2.74 18.10
CA LEU B 324 0.75 -3.36 17.27
C LEU B 324 2.13 -2.77 17.60
N GLY B 325 2.82 -3.34 18.58
CA GLY B 325 4.13 -2.85 19.05
C GLY B 325 4.01 -1.68 20.02
N GLY B 326 2.82 -1.42 20.55
CA GLY B 326 2.65 -0.33 21.50
C GLY B 326 2.41 -0.83 22.91
N ARG B 327 1.60 -0.10 23.67
CA ARG B 327 1.42 -0.42 25.09
C ARG B 327 0.12 -1.23 25.37
N THR B 328 -0.36 -1.98 24.38
CA THR B 328 -1.57 -2.79 24.54
C THR B 328 -1.17 -4.27 24.59
N ARG B 329 -1.79 -5.07 25.44
CA ARG B 329 -1.60 -6.52 25.31
C ARG B 329 -2.51 -7.04 24.20
N THR B 330 -1.88 -7.61 23.19
CA THR B 330 -2.53 -8.03 21.99
C THR B 330 -2.43 -9.54 21.81
N SER B 331 -3.54 -10.10 21.32
CA SER B 331 -3.67 -11.50 20.96
C SER B 331 -4.31 -11.59 19.56
N ILE B 332 -3.84 -12.54 18.78
CA ILE B 332 -4.48 -12.87 17.54
C ILE B 332 -5.00 -14.31 17.54
N ILE B 333 -6.26 -14.47 17.14
CA ILE B 333 -6.83 -15.79 16.90
C ILE B 333 -6.98 -15.97 15.40
N ALA B 334 -6.21 -16.89 14.86
CA ALA B 334 -6.21 -17.18 13.44
C ALA B 334 -7.10 -18.42 13.20
N THR B 335 -8.06 -18.26 12.31
CA THR B 335 -9.06 -19.30 12.11
C THR B 335 -8.77 -19.97 10.78
N ILE B 336 -8.89 -21.30 10.79
CA ILE B 336 -8.57 -22.08 9.62
C ILE B 336 -9.61 -23.16 9.33
N SER B 337 -9.53 -23.73 8.14
CA SER B 337 -10.51 -24.69 7.65
C SER B 337 -9.82 -26.04 7.62
N PRO B 338 -10.54 -27.10 8.00
CA PRO B 338 -10.03 -28.45 7.82
C PRO B 338 -10.05 -28.95 6.35
N ALA B 339 -10.65 -28.21 5.42
CA ALA B 339 -11.00 -28.78 4.11
C ALA B 339 -9.86 -28.67 3.17
N SER B 340 -9.68 -29.70 2.35
CA SER B 340 -8.59 -29.69 1.40
C SER B 340 -8.73 -28.61 0.33
N LEU B 341 -9.95 -28.22 -0.02
CA LEU B 341 -10.21 -27.10 -0.91
C LEU B 341 -9.56 -25.82 -0.41
N ASN B 342 -9.40 -25.67 0.90
CA ASN B 342 -8.83 -24.40 1.40
C ASN B 342 -7.32 -24.43 1.69
N LEU B 343 -6.63 -25.48 1.25
CA LEU B 343 -5.22 -25.63 1.56
C LEU B 343 -4.38 -24.34 1.47
N GLU B 344 -4.40 -23.70 0.31
CA GLU B 344 -3.41 -22.63 0.15
CA GLU B 344 -3.49 -22.56 0.02
C GLU B 344 -3.73 -21.41 1.01
N GLU B 345 -5.01 -21.09 1.21
CA GLU B 345 -5.38 -20.02 2.16
C GLU B 345 -5.08 -20.42 3.61
N THR B 346 -5.26 -21.71 3.93
CA THR B 346 -4.86 -22.22 5.25
C THR B 346 -3.37 -22.08 5.50
N LEU B 347 -2.54 -22.43 4.53
CA LEU B 347 -1.10 -22.27 4.69
C LEU B 347 -0.79 -20.77 4.82
N SER B 348 -1.40 -19.97 3.97
CA SER B 348 -1.16 -18.54 3.99
C SER B 348 -1.56 -17.90 5.34
N THR B 349 -2.68 -18.33 5.91
CA THR B 349 -3.04 -17.91 7.27
C THR B 349 -2.06 -18.33 8.37
N LEU B 350 -1.69 -19.60 8.35
CA LEU B 350 -0.71 -20.08 9.31
C LEU B 350 0.60 -19.32 9.15
N GLU B 351 1.11 -19.18 7.94
CA GLU B 351 2.38 -18.46 7.74
C GLU B 351 2.29 -17.04 8.33
N TYR B 352 1.19 -16.36 8.03
CA TYR B 352 1.02 -14.98 8.48
C TYR B 352 0.97 -14.95 9.98
N ALA B 353 0.21 -15.86 10.56
CA ALA B 353 0.00 -15.85 12.00
C ALA B 353 1.31 -16.23 12.72
N HIS B 354 2.03 -17.20 12.18
CA HIS B 354 3.30 -17.57 12.77
C HIS B 354 4.30 -16.42 12.84
N ARG B 355 4.41 -15.61 11.79
CA ARG B 355 5.29 -14.45 11.82
C ARG B 355 4.86 -13.52 12.94
N ALA B 356 3.56 -13.30 13.09
CA ALA B 356 3.14 -12.30 14.06
C ALA B 356 3.58 -12.64 15.48
N LYS B 357 3.87 -13.90 15.78
CA LYS B 357 4.38 -14.24 17.13
C LYS B 357 5.59 -13.42 17.59
N ASN B 358 6.49 -13.03 16.68
CA ASN B 358 7.67 -12.23 17.03
C ASN B 358 7.49 -10.73 17.30
N ILE B 359 6.25 -10.23 17.28
CA ILE B 359 6.06 -8.82 17.56
C ILE B 359 6.13 -8.56 19.06
N LEU B 360 6.89 -7.53 19.44
CA LEU B 360 7.04 -7.10 20.85
C LEU B 360 6.16 -5.92 21.27
N ASN B 361 5.30 -6.13 22.27
CA ASN B 361 4.49 -5.08 22.85
C ASN B 361 5.01 -4.78 24.25
N LYS B 362 4.60 -3.65 24.82
CA LYS B 362 4.94 -3.33 26.21
C LYS B 362 3.72 -2.88 27.00
N PRO B 363 2.89 -3.85 27.43
CA PRO B 363 1.70 -3.56 28.23
C PRO B 363 2.02 -2.83 29.53
N GLU B 364 1.15 -1.90 29.93
CA GLU B 364 1.28 -1.19 31.20
C GLU B 364 -0.06 -0.62 31.65
N VAL B 365 -0.15 -0.30 32.94
CA VAL B 365 -1.39 0.20 33.53
C VAL B 365 -1.83 1.60 33.01
N ASN B 366 -3.14 1.80 32.92
CA ASN B 366 -3.68 3.07 32.45
C ASN B 366 -3.46 4.24 33.42
PB ADP C . 14.17 17.85 -9.39
O1B ADP C . 13.18 17.83 -10.53
O2B ADP C . 14.80 16.48 -9.28
O3B ADP C . 13.64 18.46 -8.10
PA ADP C . 15.47 20.03 -10.73
O1A ADP C . 14.36 20.93 -10.26
O2A ADP C . 15.47 19.64 -12.19
O3A ADP C . 15.42 18.74 -9.79
O5' ADP C . 16.91 20.56 -10.34
C5' ADP C . 17.14 21.34 -9.18
C4' ADP C . 18.18 22.40 -9.50
O4' ADP C . 19.38 21.79 -9.99
C3' ADP C . 17.69 23.35 -10.60
O3' ADP C . 18.21 24.65 -10.30
C2' ADP C . 18.38 22.85 -11.85
O2' ADP C . 18.67 23.91 -12.76
C1' ADP C . 19.69 22.33 -11.30
N9 ADP C . 20.27 21.25 -12.12
C8 ADP C . 19.96 19.97 -11.96
N7 ADP C . 20.69 19.20 -12.79
C5 ADP C . 21.48 20.03 -13.48
C6 ADP C . 22.53 19.85 -14.51
N6 ADP C . 22.81 18.59 -14.92
N1 ADP C . 23.13 20.95 -14.98
C2 ADP C . 22.86 22.19 -14.51
N3 ADP C . 21.93 22.41 -13.56
C4 ADP C . 21.21 21.39 -13.03
MG MG D . 11.19 18.41 -10.47
MG MG E . 7.33 15.20 -10.74
OAD EGB F . 15.68 24.86 -23.55
CAR EGB F . 14.35 24.53 -23.59
CAI EGB F . 13.71 24.17 -22.40
CAG EGB F . 13.65 24.55 -24.80
CAF EGB F . 12.30 24.19 -24.78
CAH EGB F . 11.66 23.82 -23.58
CAS EGB F . 12.37 23.77 -22.36
CAT EGB F . 11.71 23.40 -21.00
CAQ EGB F . 10.65 24.43 -20.59
CAN EGB F . 11.05 25.72 -20.23
OAC EGB F . 12.26 25.92 -20.16
CAJ EGB F . 10.08 26.85 -19.83
CAU EGB F . 8.70 26.66 -20.54
CAA EGB F . 8.84 26.79 -22.06
CAB EGB F . 7.72 27.74 -20.06
CAK EGB F . 8.22 25.24 -20.21
CAP EGB F . 9.29 24.15 -20.61
NAL EGB F . 8.86 22.91 -20.89
CAO EGB F . 9.80 22.00 -21.53
SAE EGB F . 9.12 20.33 -21.48
NAM EGB F . 11.13 22.03 -20.96
PB ADP G . -16.10 -15.84 8.87
O1B ADP G . -16.53 -14.68 9.73
O2B ADP G . -14.65 -16.15 9.19
O3B ADP G . -16.37 -15.72 7.39
PA ADP G . -18.27 -17.36 10.11
O1A ADP G . -19.31 -16.65 9.26
O2A ADP G . -18.16 -17.05 11.56
O3A ADP G . -16.86 -17.17 9.34
O5' ADP G . -18.53 -18.95 9.99
C5' ADP G . -18.79 -19.51 8.70
C4' ADP G . -19.58 -20.80 8.89
O4' ADP G . -18.81 -21.77 9.62
C3' ADP G . -20.80 -20.47 9.75
O3' ADP G . -21.78 -21.44 9.36
C2' ADP G . -20.38 -20.87 11.15
O2' ADP G . -21.49 -21.40 11.85
C1' ADP G . -19.45 -22.03 10.89
N9 ADP G . -18.45 -22.11 11.94
C8 ADP G . -17.30 -21.39 11.99
N7 ADP G . -16.59 -21.74 13.06
C5 ADP G . -17.29 -22.67 13.75
C6 ADP G . -17.03 -23.54 14.93
N6 ADP G . -15.93 -23.42 15.71
N1 ADP G . -18.01 -24.39 15.25
C2 ADP G . -19.13 -24.56 14.51
N3 ADP G . -19.40 -23.87 13.40
C4 ADP G . -18.50 -22.94 12.98
MG MG H . -17.46 -12.89 9.32
MG MG I . -15.00 -8.46 9.63
OAD EGB J . -25.25 -16.75 21.73
CAR EGB J . -25.17 -15.40 21.52
CAI EGB J . -24.67 -14.88 20.30
CAG EGB J . -25.57 -14.52 22.54
CAF EGB J . -25.46 -13.14 22.28
CAH EGB J . -24.98 -12.63 21.07
CAS EGB J . -24.57 -13.50 20.07
CAT EGB J . -24.02 -12.97 18.73
CAQ EGB J . -25.12 -12.25 17.98
CAN EGB J . -26.17 -12.99 17.47
OAC EGB J . -26.14 -14.22 17.58
CAJ EGB J . -27.30 -12.37 16.68
CAU EGB J . -27.52 -10.92 17.11
CAA EGB J . -28.05 -10.95 18.55
CAB EGB J . -28.56 -10.27 16.18
CAK EGB J . -26.20 -10.17 16.98
CAP EGB J . -25.08 -10.87 17.74
NAL EGB J . -24.04 -10.09 18.14
CAO EGB J . -23.14 -10.70 19.12
SAE EGB J . -21.66 -9.69 19.22
NAM EGB J . -22.82 -12.11 18.94
#